data_1ZNP
#
_entry.id   1ZNP
#
_cell.length_a   75.967
_cell.length_b   91.323
_cell.length_c   291.580
_cell.angle_alpha   90.00
_cell.angle_beta   90.00
_cell.angle_gamma   90.00
#
_symmetry.space_group_name_H-M   'C 2 2 21'
#
loop_
_entity.id
_entity.type
_entity.pdbx_description
1 polymer 'hypothetical protein Atu3615'
2 water water
#
_entity_poly.entity_id   1
_entity_poly.type   'polypeptide(L)'
_entity_poly.pdbx_seq_one_letter_code
;(MSE)GTD(MSE)SAQAIIRELGLEPHPEGGFYHQTFRDKAGGERGHSTAIYYLLEKGVRSHWHRVTDAVEVWHYYAGAP
IALHLSQDGREVQTFTLGPAILEGERPQVIVPANCWQSAESLGDFTLVGCTVSPGFAFSSFV(MSE)AEPGWSPGDAPLE
HHHHHH
;
_entity_poly.pdbx_strand_id   A,B,C,D,E,F,G
#
# COMPACT_ATOMS: atom_id res chain seq x y z
N ASP A 4 -2.25 15.09 -15.28
CA ASP A 4 -3.24 14.47 -16.21
C ASP A 4 -2.66 13.21 -16.86
N SER A 6 -3.17 9.36 -19.07
CA SER A 6 -3.86 8.75 -20.19
C SER A 6 -3.94 7.27 -19.90
N ALA A 7 -4.93 6.60 -20.47
CA ALA A 7 -5.12 5.18 -20.28
C ALA A 7 -3.86 4.42 -20.70
N GLN A 8 -3.26 4.83 -21.81
CA GLN A 8 -2.06 4.16 -22.27
C GLN A 8 -0.89 4.31 -21.31
N ALA A 9 -0.84 5.42 -20.59
CA ALA A 9 0.25 5.63 -19.65
C ALA A 9 0.01 4.71 -18.44
N ILE A 10 -1.26 4.53 -18.07
CA ILE A 10 -1.61 3.67 -16.94
C ILE A 10 -1.35 2.23 -17.31
N ILE A 11 -1.85 1.83 -18.47
CA ILE A 11 -1.67 0.48 -18.98
C ILE A 11 -0.19 0.12 -19.00
N ARG A 12 0.61 1.07 -19.46
CA ARG A 12 2.04 0.89 -19.53
C ARG A 12 2.68 0.83 -18.15
N GLU A 13 2.35 1.81 -17.31
CA GLU A 13 2.93 1.87 -15.98
C GLU A 13 2.57 0.70 -15.08
N LEU A 14 1.34 0.23 -15.14
CA LEU A 14 0.92 -0.86 -14.27
C LEU A 14 1.06 -2.26 -14.87
N GLY A 15 1.46 -2.33 -16.13
CA GLY A 15 1.62 -3.62 -16.78
C GLY A 15 0.30 -4.32 -17.00
N LEU A 16 -0.72 -3.53 -17.34
CA LEU A 16 -2.06 -4.07 -17.58
C LEU A 16 -2.13 -4.85 -18.90
N GLU A 17 -3.01 -5.84 -18.92
CA GLU A 17 -3.23 -6.68 -20.09
C GLU A 17 -4.74 -6.80 -20.26
N PRO A 18 -5.21 -6.96 -21.51
CA PRO A 18 -6.65 -7.08 -21.75
C PRO A 18 -7.30 -8.18 -20.93
N HIS A 19 -8.43 -7.85 -20.32
CA HIS A 19 -9.14 -8.82 -19.50
C HIS A 19 -10.19 -9.52 -20.34
N PRO A 20 -10.50 -10.78 -20.03
CA PRO A 20 -11.50 -11.49 -20.83
C PRO A 20 -12.87 -10.81 -20.93
N GLU A 21 -13.21 -10.00 -19.93
CA GLU A 21 -14.51 -9.33 -19.93
C GLU A 21 -14.48 -7.97 -20.60
N GLY A 22 -13.30 -7.56 -21.05
CA GLY A 22 -13.16 -6.25 -21.67
C GLY A 22 -12.31 -5.44 -20.71
N GLY A 23 -11.60 -4.43 -21.22
CA GLY A 23 -10.75 -3.63 -20.38
C GLY A 23 -9.37 -4.24 -20.22
N PHE A 24 -8.57 -3.65 -19.35
CA PHE A 24 -7.21 -4.13 -19.09
C PHE A 24 -7.06 -4.36 -17.59
N TYR A 25 -6.22 -5.32 -17.21
CA TYR A 25 -6.06 -5.59 -15.80
C TYR A 25 -4.73 -6.24 -15.47
N HIS A 26 -4.46 -6.39 -14.18
CA HIS A 26 -3.25 -7.01 -13.71
C HIS A 26 -3.53 -7.49 -12.29
N GLN A 27 -3.27 -8.75 -12.01
CA GLN A 27 -3.49 -9.28 -10.67
C GLN A 27 -2.32 -8.79 -9.85
N THR A 28 -2.61 -8.19 -8.70
CA THR A 28 -1.57 -7.65 -7.83
C THR A 28 -1.38 -8.48 -6.58
N PHE A 29 -2.27 -9.42 -6.35
CA PHE A 29 -2.15 -10.21 -5.14
C PHE A 29 -3.07 -11.43 -5.02
N ARG A 30 -2.52 -12.48 -4.43
CA ARG A 30 -3.27 -13.70 -4.12
C ARG A 30 -2.65 -14.14 -2.79
N ASP A 31 -3.48 -14.20 -1.76
CA ASP A 31 -3.05 -14.58 -0.43
C ASP A 31 -2.50 -16.00 -0.43
N LYS A 32 -1.36 -16.21 0.23
CA LYS A 32 -0.78 -17.54 0.29
C LYS A 32 -1.58 -18.36 1.29
N ALA A 33 -2.30 -17.67 2.16
CA ALA A 33 -3.14 -18.28 3.18
C ALA A 33 -4.54 -18.52 2.62
N GLY A 34 -5.18 -19.60 3.07
CA GLY A 34 -6.52 -19.90 2.63
C GLY A 34 -6.65 -20.74 1.38
N GLY A 35 -5.87 -21.81 1.32
CA GLY A 35 -5.94 -22.69 0.16
C GLY A 35 -5.15 -22.19 -1.03
N GLU A 36 -5.45 -22.73 -2.20
CA GLU A 36 -4.78 -22.35 -3.44
C GLU A 36 -5.41 -21.12 -4.06
N ARG A 37 -6.64 -20.84 -3.67
CA ARG A 37 -7.32 -19.67 -4.19
C ARG A 37 -6.90 -18.48 -3.33
N GLY A 38 -6.53 -18.77 -2.08
CA GLY A 38 -6.13 -17.72 -1.17
C GLY A 38 -7.35 -17.11 -0.49
N HIS A 39 -7.18 -16.61 0.73
CA HIS A 39 -8.30 -16.00 1.41
C HIS A 39 -8.87 -14.90 0.50
N SER A 40 -8.04 -14.31 -0.35
CA SER A 40 -8.54 -13.29 -1.26
C SER A 40 -7.56 -12.94 -2.36
N THR A 41 -8.00 -12.11 -3.31
CA THR A 41 -7.16 -11.63 -4.40
C THR A 41 -7.49 -10.16 -4.62
N ALA A 42 -6.57 -9.45 -5.28
CA ALA A 42 -6.75 -8.04 -5.59
C ALA A 42 -6.33 -7.87 -7.04
N ILE A 43 -6.77 -6.78 -7.66
CA ILE A 43 -6.49 -6.54 -9.07
C ILE A 43 -6.58 -5.06 -9.42
N TYR A 44 -5.84 -4.65 -10.43
CA TYR A 44 -5.90 -3.28 -10.95
C TYR A 44 -6.76 -3.52 -12.20
N TYR A 45 -7.74 -2.65 -12.44
CA TYR A 45 -8.63 -2.82 -13.59
C TYR A 45 -8.93 -1.45 -14.22
N LEU A 46 -8.98 -1.40 -15.55
CA LEU A 46 -9.22 -0.14 -16.23
C LEU A 46 -10.13 -0.21 -17.44
N LEU A 47 -11.03 0.77 -17.55
CA LEU A 47 -11.92 0.86 -18.68
C LEU A 47 -11.69 2.23 -19.31
N GLU A 48 -11.95 2.37 -20.61
CA GLU A 48 -11.76 3.64 -21.29
C GLU A 48 -13.06 3.91 -22.00
N LYS A 49 -13.21 5.10 -22.56
CA LYS A 49 -14.43 5.39 -23.28
C LYS A 49 -14.54 4.37 -24.38
N GLY A 50 -15.73 3.82 -24.56
CA GLY A 50 -15.92 2.83 -25.58
C GLY A 50 -15.77 1.45 -24.98
N VAL A 51 -14.52 1.05 -24.76
CA VAL A 51 -14.23 -0.26 -24.17
C VAL A 51 -14.79 -0.42 -22.76
N ARG A 52 -15.90 -1.16 -22.66
CA ARG A 52 -16.56 -1.39 -21.37
C ARG A 52 -16.31 -2.79 -20.79
N SER A 53 -16.97 -3.08 -19.67
CA SER A 53 -16.88 -4.37 -19.00
C SER A 53 -18.18 -5.11 -19.25
N HIS A 54 -18.10 -6.21 -20.00
CA HIS A 54 -19.29 -6.98 -20.34
C HIS A 54 -19.88 -7.75 -19.16
N TRP A 55 -21.15 -8.15 -19.29
CA TRP A 55 -21.86 -8.89 -18.25
C TRP A 55 -21.18 -10.20 -17.89
N HIS A 56 -20.95 -10.40 -16.60
CA HIS A 56 -20.30 -11.61 -16.11
C HIS A 56 -20.57 -11.73 -14.62
N ARG A 57 -20.16 -12.85 -14.05
CA ARG A 57 -20.32 -13.06 -12.63
C ARG A 57 -19.25 -13.99 -12.06
N VAL A 58 -18.95 -13.78 -10.77
CA VAL A 58 -18.01 -14.59 -10.04
C VAL A 58 -18.96 -15.46 -9.21
N THR A 59 -19.04 -16.73 -9.58
CA THR A 59 -19.96 -17.67 -8.95
C THR A 59 -19.91 -17.93 -7.46
N ASP A 60 -18.72 -17.96 -6.87
CA ASP A 60 -18.61 -18.28 -5.46
C ASP A 60 -17.84 -17.33 -4.58
N ALA A 61 -17.82 -16.06 -4.96
CA ALA A 61 -17.10 -15.09 -4.17
C ALA A 61 -17.64 -13.70 -4.39
N VAL A 62 -17.55 -12.89 -3.35
CA VAL A 62 -17.96 -11.50 -3.34
C VAL A 62 -16.83 -10.64 -3.91
N GLU A 63 -17.18 -9.73 -4.80
CA GLU A 63 -16.20 -8.85 -5.37
C GLU A 63 -16.50 -7.41 -4.98
N VAL A 64 -15.48 -6.69 -4.50
CA VAL A 64 -15.68 -5.31 -4.13
C VAL A 64 -14.89 -4.40 -5.06
N TRP A 65 -15.58 -3.41 -5.61
CA TRP A 65 -14.95 -2.45 -6.52
C TRP A 65 -14.48 -1.22 -5.77
N HIS A 66 -13.31 -0.71 -6.16
CA HIS A 66 -12.72 0.47 -5.51
C HIS A 66 -12.28 1.47 -6.57
N TYR A 67 -12.73 2.72 -6.43
CA TYR A 67 -12.38 3.76 -7.38
C TYR A 67 -11.01 4.34 -7.05
N TYR A 68 -10.14 4.52 -8.05
CA TYR A 68 -8.82 5.08 -7.78
C TYR A 68 -8.57 6.39 -8.50
N ALA A 69 -8.91 6.42 -9.79
CA ALA A 69 -8.66 7.60 -10.59
C ALA A 69 -9.50 7.64 -11.86
N GLY A 70 -9.53 8.80 -12.50
CA GLY A 70 -10.32 8.95 -13.71
C GLY A 70 -11.76 9.33 -13.41
N ALA A 71 -12.60 9.24 -14.44
CA ALA A 71 -14.01 9.56 -14.35
C ALA A 71 -14.75 8.49 -13.56
N PRO A 72 -15.96 8.82 -13.07
CA PRO A 72 -16.66 7.78 -12.31
C PRO A 72 -17.10 6.66 -13.25
N ILE A 73 -17.65 5.61 -12.68
CA ILE A 73 -18.11 4.48 -13.45
C ILE A 73 -19.55 4.14 -13.14
N ALA A 74 -20.22 3.53 -14.11
CA ALA A 74 -21.59 3.10 -13.91
C ALA A 74 -21.46 1.58 -13.74
N LEU A 75 -21.76 1.11 -12.54
CA LEU A 75 -21.69 -0.31 -12.20
C LEU A 75 -23.11 -0.84 -12.13
N HIS A 76 -23.39 -1.89 -12.90
CA HIS A 76 -24.71 -2.49 -12.95
C HIS A 76 -24.70 -3.87 -12.31
N LEU A 77 -25.64 -4.11 -11.40
CA LEU A 77 -25.75 -5.40 -10.72
C LEU A 77 -27.11 -6.03 -10.93
N SER A 78 -27.11 -7.34 -11.12
CA SER A 78 -28.35 -8.08 -11.32
C SER A 78 -28.16 -9.44 -10.67
N GLN A 79 -28.72 -9.59 -9.47
CA GLN A 79 -28.59 -10.83 -8.72
C GLN A 79 -29.29 -12.01 -9.35
N ASP A 80 -30.57 -11.85 -9.65
CA ASP A 80 -31.36 -12.93 -10.23
C ASP A 80 -31.42 -12.96 -11.74
N GLY A 81 -30.82 -11.95 -12.38
CA GLY A 81 -30.84 -11.90 -13.84
C GLY A 81 -32.01 -11.12 -14.39
N ARG A 82 -32.81 -10.52 -13.52
CA ARG A 82 -33.95 -9.74 -13.96
C ARG A 82 -33.92 -8.36 -13.30
N GLU A 83 -33.97 -8.33 -11.97
CA GLU A 83 -33.89 -7.07 -11.26
C GLU A 83 -32.48 -6.53 -11.46
N VAL A 84 -32.35 -5.26 -11.79
CA VAL A 84 -31.04 -4.66 -11.97
C VAL A 84 -30.94 -3.31 -11.23
N GLN A 85 -29.77 -3.07 -10.63
CA GLN A 85 -29.48 -1.85 -9.88
C GLN A 85 -28.22 -1.24 -10.49
N THR A 86 -28.13 0.08 -10.41
CA THR A 86 -26.99 0.79 -10.98
C THR A 86 -26.41 1.78 -9.99
N PHE A 87 -25.12 1.63 -9.72
CA PHE A 87 -24.45 2.52 -8.78
C PHE A 87 -23.38 3.31 -9.49
N THR A 88 -23.25 4.58 -9.15
CA THR A 88 -22.22 5.40 -9.74
C THR A 88 -21.02 5.27 -8.81
N LEU A 89 -20.00 4.60 -9.29
CA LEU A 89 -18.77 4.37 -8.55
C LEU A 89 -17.85 5.54 -8.81
N GLY A 90 -17.51 6.28 -7.75
CA GLY A 90 -16.64 7.43 -7.91
C GLY A 90 -16.39 8.13 -6.60
N PRO A 91 -15.63 9.23 -6.61
CA PRO A 91 -15.31 9.96 -5.38
C PRO A 91 -16.26 11.09 -4.98
N ALA A 92 -17.15 11.52 -5.89
CA ALA A 92 -18.08 12.61 -5.59
C ALA A 92 -19.18 12.16 -4.61
N ILE A 93 -18.74 11.91 -3.39
CA ILE A 93 -19.57 11.43 -2.31
C ILE A 93 -20.81 12.28 -1.95
N LEU A 94 -20.79 13.56 -2.31
CA LEU A 94 -21.91 14.44 -1.99
C LEU A 94 -22.88 14.56 -3.17
N GLU A 95 -22.63 13.79 -4.22
CA GLU A 95 -23.45 13.84 -5.43
C GLU A 95 -23.97 12.47 -5.86
N GLY A 96 -24.17 11.56 -4.91
CA GLY A 96 -24.68 10.24 -5.24
C GLY A 96 -23.63 9.22 -5.61
N GLU A 97 -22.37 9.53 -5.35
CA GLU A 97 -21.29 8.60 -5.68
C GLU A 97 -20.70 7.92 -4.46
N ARG A 98 -20.15 6.74 -4.68
CA ARG A 98 -19.49 5.96 -3.63
C ARG A 98 -18.30 5.32 -4.31
N PRO A 99 -17.11 5.46 -3.71
CA PRO A 99 -15.88 4.90 -4.28
C PRO A 99 -15.71 3.42 -3.95
N GLN A 100 -16.69 2.85 -3.28
CA GLN A 100 -16.63 1.44 -2.93
C GLN A 100 -18.01 0.86 -3.08
N VAL A 101 -18.11 -0.26 -3.80
CA VAL A 101 -19.39 -0.93 -4.00
C VAL A 101 -19.20 -2.45 -3.97
N ILE A 102 -20.09 -3.11 -3.24
CA ILE A 102 -20.05 -4.55 -3.03
C ILE A 102 -20.92 -5.38 -3.94
N VAL A 103 -20.31 -6.09 -4.88
CA VAL A 103 -21.08 -6.95 -5.75
C VAL A 103 -21.17 -8.28 -5.02
N PRO A 104 -22.38 -8.66 -4.58
CA PRO A 104 -22.52 -9.94 -3.87
C PRO A 104 -22.15 -11.11 -4.78
N ALA A 105 -21.92 -12.27 -4.17
CA ALA A 105 -21.52 -13.48 -4.90
C ALA A 105 -22.57 -13.99 -5.89
N ASN A 106 -22.07 -14.49 -7.02
CA ASN A 106 -22.88 -15.03 -8.09
C ASN A 106 -23.88 -14.04 -8.67
N CYS A 107 -23.65 -12.75 -8.44
CA CYS A 107 -24.55 -11.73 -8.99
C CYS A 107 -23.98 -11.20 -10.31
N TRP A 108 -24.83 -11.08 -11.33
CA TRP A 108 -24.38 -10.56 -12.61
C TRP A 108 -23.87 -9.12 -12.47
N GLN A 109 -22.82 -8.80 -13.21
CA GLN A 109 -22.25 -7.46 -13.16
C GLN A 109 -21.62 -6.97 -14.46
N SER A 110 -21.75 -5.68 -14.73
CA SER A 110 -21.18 -5.06 -15.93
C SER A 110 -20.93 -3.61 -15.59
N ALA A 111 -20.00 -2.99 -16.31
CA ALA A 111 -19.68 -1.61 -16.03
C ALA A 111 -19.15 -0.87 -17.24
N GLU A 112 -19.08 0.45 -17.13
CA GLU A 112 -18.56 1.28 -18.20
C GLU A 112 -18.05 2.58 -17.59
N SER A 113 -17.01 3.14 -18.19
CA SER A 113 -16.44 4.38 -17.71
C SER A 113 -17.33 5.52 -18.22
N LEU A 114 -17.46 6.59 -17.44
CA LEU A 114 -18.30 7.70 -17.85
C LEU A 114 -17.47 8.84 -18.44
N GLY A 115 -16.18 8.57 -18.66
CA GLY A 115 -15.30 9.57 -19.22
C GLY A 115 -14.26 8.86 -20.08
N ASP A 116 -13.04 9.38 -20.08
CA ASP A 116 -11.97 8.81 -20.88
C ASP A 116 -11.44 7.50 -20.31
N PHE A 117 -11.40 7.42 -18.98
CA PHE A 117 -10.93 6.21 -18.33
C PHE A 117 -11.21 6.23 -16.85
N THR A 118 -11.18 5.04 -16.27
CA THR A 118 -11.38 4.86 -14.84
C THR A 118 -10.47 3.70 -14.43
N LEU A 119 -9.59 4.00 -13.48
CA LEU A 119 -8.69 3.02 -12.92
C LEU A 119 -9.37 2.57 -11.64
N VAL A 120 -9.58 1.27 -11.47
CA VAL A 120 -10.19 0.78 -10.26
C VAL A 120 -9.42 -0.41 -9.71
N GLY A 121 -9.84 -0.81 -8.52
CA GLY A 121 -9.27 -1.98 -7.87
C GLY A 121 -10.42 -2.92 -7.60
N CYS A 122 -10.14 -4.21 -7.59
CA CYS A 122 -11.16 -5.22 -7.33
C CYS A 122 -10.60 -6.26 -6.39
N THR A 123 -11.33 -6.49 -5.29
CA THR A 123 -10.93 -7.47 -4.30
C THR A 123 -12.00 -8.54 -4.23
N VAL A 124 -11.57 -9.77 -4.49
CA VAL A 124 -12.43 -10.94 -4.48
C VAL A 124 -11.98 -11.72 -3.25
N SER A 125 -12.84 -11.79 -2.25
CA SER A 125 -12.48 -12.45 -1.01
C SER A 125 -12.27 -13.93 -1.14
N PRO A 126 -13.35 -14.71 -1.31
CA PRO A 126 -13.09 -16.15 -1.42
C PRO A 126 -11.94 -16.54 -2.38
N GLY A 127 -11.40 -15.55 -3.10
CA GLY A 127 -10.26 -15.78 -3.98
C GLY A 127 -10.62 -16.04 -5.41
N PHE A 128 -10.38 -15.05 -6.28
CA PHE A 128 -10.73 -15.19 -7.69
C PHE A 128 -10.07 -16.34 -8.43
N ALA A 129 -10.87 -16.99 -9.24
CA ALA A 129 -10.44 -18.12 -10.07
C ALA A 129 -11.32 -18.18 -11.31
N PHE A 130 -10.69 -18.22 -12.49
CA PHE A 130 -11.43 -18.29 -13.74
C PHE A 130 -12.32 -19.52 -13.78
N SER A 131 -12.05 -20.51 -12.92
CA SER A 131 -12.91 -21.70 -12.87
C SER A 131 -14.23 -21.31 -12.19
N SER A 132 -14.31 -20.07 -11.73
CA SER A 132 -15.52 -19.55 -11.09
C SER A 132 -15.93 -18.25 -11.76
N PHE A 133 -15.62 -18.16 -13.05
CA PHE A 133 -15.89 -17.01 -13.87
C PHE A 133 -16.81 -17.42 -15.00
N VAL A 134 -17.88 -16.67 -15.21
CA VAL A 134 -18.83 -16.96 -16.27
C VAL A 134 -19.37 -15.68 -16.87
N ALA A 136 -22.01 -13.72 -19.84
CA ALA A 136 -23.29 -13.89 -20.51
C ALA A 136 -23.00 -13.88 -22.00
N GLU A 137 -23.90 -14.42 -22.80
CA GLU A 137 -23.71 -14.43 -24.23
C GLU A 137 -23.72 -12.96 -24.65
N PRO A 138 -22.82 -12.56 -25.57
CA PRO A 138 -22.81 -11.16 -25.97
C PRO A 138 -24.19 -10.69 -26.44
N GLY A 139 -24.52 -9.44 -26.13
CA GLY A 139 -25.81 -8.91 -26.52
C GLY A 139 -26.83 -9.10 -25.41
N TRP A 140 -26.66 -10.20 -24.66
CA TRP A 140 -27.55 -10.54 -23.55
C TRP A 140 -27.65 -9.40 -22.55
N SER A 141 -28.77 -9.36 -21.84
CA SER A 141 -29.05 -8.39 -20.81
C SER A 141 -30.06 -9.02 -19.88
N PRO A 142 -29.99 -8.72 -18.58
CA PRO A 142 -30.94 -9.31 -17.64
C PRO A 142 -32.41 -9.22 -18.08
N GLY A 143 -33.14 -10.32 -17.89
CA GLY A 143 -34.53 -10.36 -18.29
C GLY A 143 -34.85 -11.59 -19.13
N SER B 6 -40.30 25.52 -10.20
CA SER B 6 -40.16 26.42 -9.07
C SER B 6 -40.92 25.53 -8.02
N ALA B 7 -40.20 25.02 -7.01
CA ALA B 7 -40.80 24.11 -6.03
C ALA B 7 -42.12 24.51 -5.42
N GLN B 8 -42.08 25.69 -4.79
CA GLN B 8 -43.21 26.27 -4.09
C GLN B 8 -44.50 26.19 -4.87
N ALA B 9 -44.38 26.35 -6.19
CA ALA B 9 -45.51 26.32 -7.12
C ALA B 9 -46.02 24.90 -7.31
N ILE B 10 -45.10 23.95 -7.20
CA ILE B 10 -45.41 22.53 -7.38
C ILE B 10 -46.14 22.00 -6.16
N ILE B 11 -45.76 22.50 -4.99
CA ILE B 11 -46.34 22.11 -3.72
C ILE B 11 -47.78 22.60 -3.61
N ARG B 12 -48.03 23.77 -4.20
CA ARG B 12 -49.35 24.39 -4.21
C ARG B 12 -50.26 23.75 -5.23
N GLU B 13 -49.70 23.54 -6.43
CA GLU B 13 -50.38 22.95 -7.56
C GLU B 13 -50.85 21.52 -7.31
N LEU B 14 -50.06 20.78 -6.53
CA LEU B 14 -50.35 19.37 -6.22
C LEU B 14 -50.95 19.20 -4.85
N GLY B 15 -50.88 20.28 -4.06
CA GLY B 15 -51.39 20.27 -2.72
C GLY B 15 -50.59 19.41 -1.76
N LEU B 16 -49.26 19.52 -1.91
CA LEU B 16 -48.31 18.81 -1.07
C LEU B 16 -48.33 19.37 0.36
N GLU B 17 -48.14 18.50 1.34
CA GLU B 17 -48.09 18.87 2.75
C GLU B 17 -46.88 18.19 3.41
N PRO B 18 -46.38 18.78 4.52
CA PRO B 18 -45.22 18.20 5.21
C PRO B 18 -45.43 16.74 5.49
N HIS B 19 -44.42 15.92 5.19
CA HIS B 19 -44.53 14.50 5.43
C HIS B 19 -43.78 14.22 6.73
N PRO B 20 -44.22 13.24 7.51
CA PRO B 20 -43.58 12.91 8.78
C PRO B 20 -42.07 12.71 8.72
N GLU B 21 -41.58 12.16 7.63
CA GLU B 21 -40.15 11.91 7.47
C GLU B 21 -39.39 13.09 6.87
N GLY B 22 -40.12 14.15 6.54
CA GLY B 22 -39.50 15.33 5.96
C GLY B 22 -40.03 15.52 4.56
N GLY B 23 -39.76 16.67 3.95
CA GLY B 23 -40.27 16.90 2.60
C GLY B 23 -41.77 17.11 2.60
N PHE B 24 -42.37 17.18 1.42
CA PHE B 24 -43.80 17.39 1.32
C PHE B 24 -44.42 16.34 0.44
N TYR B 25 -45.63 15.92 0.78
CA TYR B 25 -46.28 14.88 -0.01
C TYR B 25 -47.79 15.05 -0.11
N HIS B 26 -48.40 14.17 -0.90
CA HIS B 26 -49.83 14.12 -1.10
C HIS B 26 -50.21 12.76 -1.64
N GLN B 27 -51.11 12.07 -0.94
CA GLN B 27 -51.54 10.74 -1.38
C GLN B 27 -52.58 10.87 -2.47
N THR B 28 -52.27 10.33 -3.64
CA THR B 28 -53.15 10.39 -4.78
C THR B 28 -53.91 9.11 -5.01
N PHE B 29 -53.63 8.06 -4.25
CA PHE B 29 -54.31 6.81 -4.51
C PHE B 29 -54.15 5.72 -3.46
N ARG B 30 -55.27 5.05 -3.16
CA ARG B 30 -55.31 3.91 -2.26
C ARG B 30 -56.33 2.98 -2.93
N ASP B 31 -55.86 1.90 -3.52
CA ASP B 31 -56.77 0.97 -4.20
C ASP B 31 -57.88 0.55 -3.24
N LYS B 32 -59.12 0.59 -3.72
CA LYS B 32 -60.24 0.20 -2.87
C LYS B 32 -60.31 -1.32 -2.70
N ALA B 33 -59.62 -2.06 -3.57
CA ALA B 33 -59.61 -3.51 -3.47
C ALA B 33 -58.35 -3.92 -2.72
N GLY B 34 -58.38 -5.09 -2.09
CA GLY B 34 -57.22 -5.56 -1.36
C GLY B 34 -57.20 -5.17 0.11
N GLY B 35 -58.36 -5.31 0.76
CA GLY B 35 -58.49 -4.99 2.17
C GLY B 35 -58.46 -3.50 2.47
N GLU B 36 -58.65 -3.15 3.74
CA GLU B 36 -58.65 -1.76 4.15
C GLU B 36 -57.43 -1.00 3.62
N ARG B 37 -56.25 -1.61 3.72
CA ARG B 37 -55.02 -0.98 3.25
C ARG B 37 -55.04 -0.81 1.75
N GLY B 38 -55.66 -1.77 1.07
CA GLY B 38 -55.73 -1.72 -0.38
C GLY B 38 -54.53 -2.38 -1.02
N HIS B 39 -54.66 -2.74 -2.29
CA HIS B 39 -53.58 -3.38 -3.03
C HIS B 39 -52.32 -2.52 -3.11
N SER B 40 -52.50 -1.21 -3.21
CA SER B 40 -51.34 -0.34 -3.28
C SER B 40 -51.77 1.10 -3.06
N THR B 41 -50.78 1.95 -2.84
CA THR B 41 -50.99 3.37 -2.66
C THR B 41 -49.98 4.09 -3.53
N ALA B 42 -50.29 5.33 -3.88
CA ALA B 42 -49.41 6.13 -4.70
C ALA B 42 -49.33 7.49 -4.02
N ILE B 43 -48.20 8.17 -4.21
CA ILE B 43 -47.97 9.47 -3.59
C ILE B 43 -47.03 10.35 -4.42
N TYR B 44 -47.24 11.66 -4.37
CA TYR B 44 -46.32 12.58 -5.01
C TYR B 44 -45.45 12.94 -3.81
N TYR B 45 -44.14 13.04 -4.00
CA TYR B 45 -43.25 13.36 -2.90
C TYR B 45 -42.18 14.31 -3.40
N LEU B 46 -41.84 15.32 -2.58
CA LEU B 46 -40.86 16.32 -2.98
C LEU B 46 -39.88 16.75 -1.88
N LEU B 47 -38.61 16.84 -2.26
CA LEU B 47 -37.54 17.25 -1.35
C LEU B 47 -36.85 18.48 -1.93
N GLU B 48 -36.38 19.36 -1.05
CA GLU B 48 -35.71 20.58 -1.46
C GLU B 48 -34.30 20.63 -0.90
N LYS B 49 -33.51 21.58 -1.38
CA LYS B 49 -32.15 21.77 -0.90
C LYS B 49 -32.30 21.85 0.62
N GLY B 50 -31.62 20.95 1.33
CA GLY B 50 -31.73 20.94 2.78
C GLY B 50 -32.81 19.97 3.20
N VAL B 51 -34.03 20.46 3.36
CA VAL B 51 -35.15 19.61 3.76
C VAL B 51 -35.11 18.28 3.02
N ARG B 52 -34.76 17.22 3.74
CA ARG B 52 -34.66 15.89 3.14
C ARG B 52 -35.44 14.78 3.85
N SER B 53 -35.30 13.56 3.33
CA SER B 53 -35.99 12.39 3.87
C SER B 53 -35.12 11.75 4.94
N HIS B 54 -35.64 11.63 6.14
CA HIS B 54 -34.87 11.03 7.22
C HIS B 54 -35.00 9.51 7.20
N TRP B 55 -34.09 8.82 7.88
CA TRP B 55 -34.13 7.37 7.93
C TRP B 55 -35.45 6.84 8.47
N HIS B 56 -36.06 5.93 7.72
CA HIS B 56 -37.32 5.32 8.07
C HIS B 56 -37.45 4.02 7.28
N ARG B 57 -38.51 3.27 7.55
CA ARG B 57 -38.74 2.02 6.85
C ARG B 57 -40.20 1.60 6.90
N VAL B 58 -40.66 0.97 5.84
CA VAL B 58 -42.02 0.48 5.78
C VAL B 58 -41.83 -0.98 6.12
N THR B 59 -42.19 -1.33 7.35
CA THR B 59 -42.04 -2.68 7.87
C THR B 59 -42.59 -3.87 7.08
N ASP B 60 -43.74 -3.70 6.44
CA ASP B 60 -44.35 -4.81 5.73
C ASP B 60 -44.70 -4.61 4.25
N ALA B 61 -44.04 -3.68 3.58
CA ALA B 61 -44.34 -3.48 2.17
C ALA B 61 -43.16 -2.96 1.37
N VAL B 62 -43.21 -3.18 0.07
CA VAL B 62 -42.17 -2.72 -0.82
C VAL B 62 -42.55 -1.32 -1.32
N GLU B 63 -41.55 -0.46 -1.48
CA GLU B 63 -41.81 0.87 -2.00
C GLU B 63 -40.92 1.16 -3.21
N VAL B 64 -41.54 1.55 -4.31
CA VAL B 64 -40.82 1.86 -5.52
C VAL B 64 -40.79 3.37 -5.67
N TRP B 65 -39.57 3.93 -5.78
CA TRP B 65 -39.41 5.36 -5.95
C TRP B 65 -39.33 5.67 -7.43
N HIS B 66 -40.01 6.73 -7.87
CA HIS B 66 -40.03 7.15 -9.27
C HIS B 66 -39.67 8.61 -9.42
N TYR B 67 -38.67 8.89 -10.26
CA TYR B 67 -38.26 10.26 -10.52
C TYR B 67 -39.25 10.88 -11.49
N TYR B 68 -39.65 12.13 -11.23
CA TYR B 68 -40.58 12.82 -12.12
C TYR B 68 -39.99 14.13 -12.69
N ALA B 69 -39.42 14.95 -11.81
CA ALA B 69 -38.88 16.24 -12.25
C ALA B 69 -37.84 16.81 -11.30
N GLY B 70 -37.03 17.72 -11.82
CA GLY B 70 -36.01 18.36 -11.01
C GLY B 70 -34.68 17.63 -10.97
N ALA B 71 -33.83 18.06 -10.05
CA ALA B 71 -32.52 17.45 -9.87
C ALA B 71 -32.68 15.99 -9.45
N PRO B 72 -31.62 15.19 -9.63
CA PRO B 72 -31.72 13.79 -9.24
C PRO B 72 -31.66 13.70 -7.73
N ILE B 73 -31.86 12.49 -7.21
CA ILE B 73 -31.84 12.27 -5.79
C ILE B 73 -30.83 11.21 -5.40
N ALA B 74 -30.31 11.33 -4.18
CA ALA B 74 -29.38 10.34 -3.65
C ALA B 74 -30.24 9.50 -2.70
N LEU B 75 -30.50 8.25 -3.06
CA LEU B 75 -31.31 7.36 -2.26
C LEU B 75 -30.43 6.30 -1.61
N HIS B 76 -30.42 6.26 -0.27
CA HIS B 76 -29.61 5.33 0.50
C HIS B 76 -30.47 4.19 1.04
N LEU B 77 -30.02 2.95 0.89
CA LEU B 77 -30.78 1.80 1.37
C LEU B 77 -29.94 0.93 2.25
N SER B 78 -30.50 0.49 3.36
CA SER B 78 -29.80 -0.36 4.30
C SER B 78 -30.79 -1.39 4.81
N GLN B 79 -30.69 -2.61 4.26
CA GLN B 79 -31.59 -3.68 4.64
C GLN B 79 -31.37 -4.21 6.06
N ASP B 80 -30.12 -4.27 6.51
CA ASP B 80 -29.83 -4.78 7.85
C ASP B 80 -29.46 -3.69 8.84
N GLY B 81 -29.40 -2.45 8.36
CA GLY B 81 -29.07 -1.34 9.25
C GLY B 81 -27.59 -1.20 9.55
N ARG B 82 -26.75 -1.86 8.76
CA ARG B 82 -25.30 -1.78 8.96
C ARG B 82 -24.69 -1.28 7.66
N GLU B 83 -24.84 -2.08 6.61
CA GLU B 83 -24.32 -1.72 5.30
C GLU B 83 -25.39 -0.95 4.55
N VAL B 84 -24.96 0.00 3.74
CA VAL B 84 -25.89 0.82 2.97
C VAL B 84 -25.43 1.01 1.54
N GLN B 85 -26.40 1.10 0.63
CA GLN B 85 -26.14 1.28 -0.80
C GLN B 85 -26.70 2.64 -1.24
N THR B 86 -25.94 3.40 -2.02
CA THR B 86 -26.38 4.70 -2.46
C THR B 86 -26.69 4.72 -3.93
N PHE B 87 -27.92 5.11 -4.24
CA PHE B 87 -28.41 5.14 -5.61
C PHE B 87 -28.66 6.58 -6.04
N THR B 88 -28.43 6.88 -7.31
CA THR B 88 -28.70 8.20 -7.83
C THR B 88 -29.99 8.01 -8.63
N LEU B 89 -31.08 8.54 -8.10
CA LEU B 89 -32.40 8.42 -8.72
C LEU B 89 -32.62 9.60 -9.68
N GLY B 90 -32.43 9.34 -10.97
CA GLY B 90 -32.58 10.38 -11.96
C GLY B 90 -32.82 9.81 -13.33
N PRO B 91 -33.05 10.67 -14.33
CA PRO B 91 -33.29 10.27 -15.71
C PRO B 91 -32.04 10.12 -16.58
N ALA B 92 -30.91 10.61 -16.09
CA ALA B 92 -29.65 10.53 -16.85
C ALA B 92 -29.13 9.09 -16.97
N ILE B 93 -29.92 8.26 -17.65
CA ILE B 93 -29.67 6.86 -17.94
C ILE B 93 -28.23 6.50 -18.36
N LEU B 94 -27.55 7.42 -19.03
CA LEU B 94 -26.20 7.12 -19.49
C LEU B 94 -25.15 7.75 -18.59
N GLU B 95 -25.58 8.21 -17.42
CA GLU B 95 -24.71 8.86 -16.44
C GLU B 95 -24.72 8.10 -15.11
N GLY B 96 -25.09 6.83 -15.15
CA GLY B 96 -25.11 6.04 -13.94
C GLY B 96 -26.32 6.27 -13.06
N GLU B 97 -27.33 6.90 -13.63
CA GLU B 97 -28.57 7.19 -12.90
C GLU B 97 -29.66 6.23 -13.35
N ARG B 98 -30.69 6.10 -12.52
CA ARG B 98 -31.86 5.27 -12.81
C ARG B 98 -33.05 6.02 -12.23
N PRO B 99 -34.14 6.16 -13.01
CA PRO B 99 -35.34 6.87 -12.57
C PRO B 99 -36.33 6.03 -11.74
N GLN B 100 -35.96 4.78 -11.48
CA GLN B 100 -36.82 3.88 -10.72
C GLN B 100 -36.00 2.97 -9.79
N VAL B 101 -36.28 3.01 -8.49
CA VAL B 101 -35.56 2.14 -7.57
C VAL B 101 -36.47 1.52 -6.53
N ILE B 102 -36.33 0.22 -6.40
CA ILE B 102 -37.13 -0.61 -5.51
C ILE B 102 -36.54 -0.76 -4.12
N VAL B 103 -37.34 -0.35 -3.13
CA VAL B 103 -36.94 -0.47 -1.73
C VAL B 103 -37.68 -1.67 -1.17
N PRO B 104 -36.94 -2.72 -0.81
CA PRO B 104 -37.51 -3.95 -0.25
C PRO B 104 -38.24 -3.72 1.07
N ALA B 105 -39.18 -4.60 1.39
CA ALA B 105 -39.95 -4.47 2.62
C ALA B 105 -39.03 -4.43 3.84
N ASN B 106 -39.38 -3.55 4.78
CA ASN B 106 -38.63 -3.38 6.03
C ASN B 106 -37.19 -2.92 5.84
N CYS B 107 -36.87 -2.36 4.68
CA CYS B 107 -35.52 -1.88 4.41
C CYS B 107 -35.33 -0.39 4.74
N TRP B 108 -34.32 -0.07 5.55
CA TRP B 108 -34.09 1.33 5.89
C TRP B 108 -33.86 2.16 4.64
N GLN B 109 -34.31 3.40 4.67
CA GLN B 109 -34.16 4.28 3.53
C GLN B 109 -34.16 5.76 3.91
N SER B 110 -33.40 6.55 3.16
CA SER B 110 -33.29 7.98 3.37
C SER B 110 -32.88 8.58 2.03
N ALA B 111 -33.14 9.86 1.84
CA ALA B 111 -32.80 10.48 0.57
C ALA B 111 -32.70 11.98 0.66
N GLU B 112 -32.03 12.59 -0.31
CA GLU B 112 -31.92 14.03 -0.33
C GLU B 112 -31.72 14.46 -1.79
N SER B 113 -32.31 15.61 -2.14
CA SER B 113 -32.17 16.14 -3.49
C SER B 113 -30.75 16.60 -3.71
N LEU B 114 -30.24 16.36 -4.90
CA LEU B 114 -28.88 16.76 -5.23
C LEU B 114 -28.94 18.14 -5.88
N GLY B 115 -30.10 18.79 -5.74
CA GLY B 115 -30.29 20.12 -6.31
C GLY B 115 -31.32 20.94 -5.55
N ASP B 116 -31.91 21.92 -6.21
CA ASP B 116 -32.91 22.79 -5.58
C ASP B 116 -34.07 21.94 -5.07
N PHE B 117 -34.58 21.06 -5.93
CA PHE B 117 -35.68 20.17 -5.54
C PHE B 117 -35.77 18.95 -6.44
N THR B 118 -36.52 17.95 -5.99
CA THR B 118 -36.73 16.75 -6.78
C THR B 118 -38.16 16.32 -6.49
N LEU B 119 -38.92 16.08 -7.55
CA LEU B 119 -40.31 15.66 -7.39
C LEU B 119 -40.32 14.18 -7.71
N VAL B 120 -40.84 13.36 -6.82
CA VAL B 120 -40.92 11.93 -7.08
C VAL B 120 -42.32 11.34 -6.85
N GLY B 121 -42.45 10.06 -7.16
CA GLY B 121 -43.69 9.36 -6.95
C GLY B 121 -43.28 8.14 -6.14
N CYS B 122 -44.13 7.71 -5.22
CA CYS B 122 -43.81 6.53 -4.43
C CYS B 122 -44.96 5.54 -4.49
N THR B 123 -44.66 4.29 -4.86
CA THR B 123 -45.69 3.25 -4.88
C THR B 123 -45.39 2.22 -3.79
N VAL B 124 -46.40 1.92 -3.00
CA VAL B 124 -46.27 0.96 -1.92
C VAL B 124 -47.34 -0.06 -2.19
N SER B 125 -46.94 -1.30 -2.44
CA SER B 125 -47.93 -2.30 -2.79
C SER B 125 -48.86 -2.56 -1.65
N PRO B 126 -48.54 -3.47 -0.72
CA PRO B 126 -49.61 -3.51 0.28
C PRO B 126 -49.74 -2.05 0.75
N GLY B 127 -50.84 -1.40 0.37
CA GLY B 127 -51.07 0.00 0.73
C GLY B 127 -50.29 0.50 1.92
N PHE B 128 -49.68 1.67 1.78
CA PHE B 128 -48.90 2.24 2.87
C PHE B 128 -49.80 2.51 4.07
N ALA B 129 -49.25 2.29 5.25
CA ALA B 129 -49.98 2.51 6.50
C ALA B 129 -49.01 2.96 7.57
N PHE B 130 -49.34 4.05 8.26
CA PHE B 130 -48.46 4.56 9.29
C PHE B 130 -48.25 3.56 10.43
N SER B 131 -49.13 2.58 10.53
CA SER B 131 -49.01 1.57 11.58
C SER B 131 -47.96 0.54 11.16
N SER B 132 -47.28 0.82 10.05
CA SER B 132 -46.23 -0.03 9.52
C SER B 132 -45.05 0.88 9.25
N PHE B 133 -45.13 2.09 9.79
CA PHE B 133 -44.11 3.11 9.62
C PHE B 133 -43.26 3.30 10.87
N VAL B 134 -41.96 3.36 10.66
CA VAL B 134 -41.04 3.56 11.77
C VAL B 134 -39.90 4.44 11.32
N ALA B 136 -36.10 6.26 12.34
CA ALA B 136 -34.93 6.04 13.17
C ALA B 136 -34.76 7.25 14.08
N GLU B 137 -34.07 7.07 15.20
CA GLU B 137 -33.87 8.17 16.11
C GLU B 137 -33.03 9.20 15.35
N PRO B 138 -33.34 10.49 15.50
CA PRO B 138 -32.58 11.52 14.80
C PRO B 138 -31.07 11.34 15.05
N GLY B 139 -30.25 11.73 14.09
CA GLY B 139 -28.82 11.60 14.26
C GLY B 139 -28.32 10.20 14.00
N TRP B 140 -29.24 9.23 13.98
CA TRP B 140 -28.86 7.85 13.69
C TRP B 140 -28.45 7.65 12.24
N SER B 141 -27.58 6.68 12.03
CA SER B 141 -27.07 6.33 10.72
C SER B 141 -26.72 4.84 10.83
N PRO B 142 -26.93 4.07 9.75
CA PRO B 142 -26.61 2.64 9.79
C PRO B 142 -25.27 2.33 10.46
N GLY B 143 -25.31 1.47 11.46
CA GLY B 143 -24.10 1.13 12.20
C GLY B 143 -24.28 1.52 13.65
N ASP B 144 -24.91 2.68 13.86
CA ASP B 144 -25.19 3.22 15.18
C ASP B 144 -26.23 2.33 15.86
N SER C 6 -30.96 8.78 -27.05
CA SER C 6 -31.98 8.45 -28.04
C SER C 6 -32.76 7.21 -27.62
N ALA C 7 -33.76 6.86 -28.42
CA ALA C 7 -34.55 5.67 -28.12
C ALA C 7 -33.65 4.45 -28.25
N GLN C 8 -32.73 4.49 -29.19
CA GLN C 8 -31.81 3.38 -29.42
C GLN C 8 -30.83 3.16 -28.25
N ALA C 9 -30.33 4.25 -27.69
CA ALA C 9 -29.41 4.16 -26.56
C ALA C 9 -30.12 3.73 -25.27
N ILE C 10 -31.39 4.08 -25.17
CA ILE C 10 -32.17 3.72 -23.99
C ILE C 10 -32.47 2.24 -24.05
N ILE C 11 -32.85 1.77 -25.22
CA ILE C 11 -33.17 0.37 -25.44
C ILE C 11 -31.94 -0.50 -25.14
N ARG C 12 -30.76 0.01 -25.48
CA ARG C 12 -29.51 -0.71 -25.24
C ARG C 12 -29.06 -0.63 -23.77
N GLU C 13 -29.21 0.54 -23.15
CA GLU C 13 -28.82 0.72 -21.75
C GLU C 13 -29.70 -0.02 -20.75
N LEU C 14 -31.01 0.05 -20.95
CA LEU C 14 -31.97 -0.60 -20.05
C LEU C 14 -32.28 -2.03 -20.47
N GLY C 15 -31.62 -2.50 -21.52
CA GLY C 15 -31.86 -3.84 -21.99
C GLY C 15 -33.33 -4.08 -22.30
N LEU C 16 -33.97 -3.11 -22.96
CA LEU C 16 -35.38 -3.23 -23.30
C LEU C 16 -35.65 -4.22 -24.42
N GLU C 17 -36.82 -4.84 -24.38
CA GLU C 17 -37.22 -5.81 -25.38
C GLU C 17 -38.61 -5.42 -25.90
N PRO C 18 -38.93 -5.76 -27.16
CA PRO C 18 -40.24 -5.42 -27.70
C PRO C 18 -41.39 -5.98 -26.88
N HIS C 19 -42.41 -5.15 -26.68
CA HIS C 19 -43.59 -5.51 -25.91
C HIS C 19 -44.73 -5.81 -26.88
N PRO C 20 -45.58 -6.81 -26.54
CA PRO C 20 -46.72 -7.21 -27.39
C PRO C 20 -47.68 -6.10 -27.79
N GLU C 21 -47.91 -5.12 -26.91
CA GLU C 21 -48.82 -4.02 -27.23
C GLU C 21 -48.10 -2.97 -28.07
N GLY C 22 -46.82 -3.22 -28.34
CA GLY C 22 -46.01 -2.29 -29.10
C GLY C 22 -45.01 -1.67 -28.14
N GLY C 23 -44.03 -0.93 -28.67
CA GLY C 23 -43.04 -0.32 -27.81
C GLY C 23 -42.04 -1.32 -27.26
N PHE C 24 -41.17 -0.87 -26.37
CA PHE C 24 -40.15 -1.73 -25.77
C PHE C 24 -40.25 -1.69 -24.25
N TYR C 25 -39.83 -2.77 -23.60
CA TYR C 25 -39.91 -2.82 -22.14
C TYR C 25 -38.94 -3.80 -21.49
N HIS C 26 -38.98 -3.82 -20.17
CA HIS C 26 -38.16 -4.70 -19.36
C HIS C 26 -38.77 -4.77 -17.98
N GLN C 27 -39.09 -5.96 -17.52
CA GLN C 27 -39.67 -6.06 -16.20
C GLN C 27 -38.54 -5.87 -15.19
N THR C 28 -38.70 -4.86 -14.35
CA THR C 28 -37.70 -4.56 -13.34
C THR C 28 -38.00 -5.21 -12.02
N PHE C 29 -39.24 -5.65 -11.80
CA PHE C 29 -39.56 -6.24 -10.51
C PHE C 29 -40.85 -7.02 -10.40
N ARG C 30 -40.80 -8.07 -9.59
CA ARG C 30 -41.97 -8.88 -9.25
C ARG C 30 -41.75 -9.30 -7.81
N ASP C 31 -42.59 -8.78 -6.92
CA ASP C 31 -42.47 -9.08 -5.51
C ASP C 31 -42.54 -10.58 -5.26
N LYS C 32 -41.61 -11.09 -4.46
CA LYS C 32 -41.60 -12.51 -4.13
C LYS C 32 -42.83 -12.78 -3.26
N ALA C 33 -43.28 -11.75 -2.56
CA ALA C 33 -44.43 -11.89 -1.67
C ALA C 33 -45.74 -11.54 -2.38
N GLY C 34 -46.82 -12.13 -1.89
CA GLY C 34 -48.13 -11.87 -2.46
C GLY C 34 -48.60 -12.91 -3.46
N GLY C 35 -48.12 -14.14 -3.32
CA GLY C 35 -48.54 -15.20 -4.23
C GLY C 35 -47.67 -15.36 -5.47
N GLU C 36 -48.10 -16.22 -6.38
CA GLU C 36 -47.37 -16.49 -7.61
C GLU C 36 -47.00 -15.24 -8.41
N ARG C 37 -47.94 -14.30 -8.55
CA ARG C 37 -47.63 -13.10 -9.30
C ARG C 37 -47.20 -11.89 -8.48
N GLY C 38 -47.14 -12.07 -7.17
CA GLY C 38 -46.68 -11.01 -6.29
C GLY C 38 -47.56 -9.80 -6.06
N HIS C 39 -47.38 -9.17 -4.91
CA HIS C 39 -48.13 -7.99 -4.56
C HIS C 39 -48.07 -7.00 -5.71
N SER C 40 -46.92 -6.91 -6.37
CA SER C 40 -46.79 -5.97 -7.47
C SER C 40 -45.64 -6.25 -8.43
N THR C 41 -45.73 -5.66 -9.62
CA THR C 41 -44.71 -5.75 -10.65
C THR C 41 -44.37 -4.31 -11.07
N ALA C 42 -43.16 -4.13 -11.59
CA ALA C 42 -42.70 -2.82 -12.06
C ALA C 42 -42.07 -3.07 -13.43
N ILE C 43 -42.10 -2.06 -14.28
CA ILE C 43 -41.56 -2.19 -15.61
C ILE C 43 -40.99 -0.87 -16.09
N TYR C 44 -40.11 -0.94 -17.09
CA TYR C 44 -39.55 0.24 -17.76
C TYR C 44 -40.26 0.09 -19.10
N TYR C 45 -40.81 1.18 -19.64
CA TYR C 45 -41.52 1.09 -20.91
C TYR C 45 -41.13 2.28 -21.80
N LEU C 46 -40.86 2.00 -23.08
CA LEU C 46 -40.44 3.03 -24.02
C LEU C 46 -41.24 3.07 -25.33
N LEU C 47 -41.77 4.25 -25.65
CA LEU C 47 -42.51 4.46 -26.88
C LEU C 47 -41.72 5.37 -27.82
N GLU C 48 -41.45 4.90 -29.03
CA GLU C 48 -40.71 5.69 -30.01
C GLU C 48 -41.67 6.49 -30.86
N LYS C 49 -41.15 7.49 -31.55
CA LYS C 49 -41.96 8.33 -32.42
C LYS C 49 -42.86 7.47 -33.30
N GLY C 50 -44.13 7.83 -33.38
CA GLY C 50 -45.06 7.10 -34.20
C GLY C 50 -45.76 5.89 -33.59
N VAL C 51 -44.99 4.92 -33.09
CA VAL C 51 -45.58 3.73 -32.50
C VAL C 51 -46.60 4.03 -31.39
N ARG C 52 -47.85 3.69 -31.66
CA ARG C 52 -48.95 3.89 -30.72
C ARG C 52 -49.35 2.53 -30.16
N SER C 53 -49.09 2.32 -28.88
CA SER C 53 -49.44 1.06 -28.22
C SER C 53 -50.91 0.72 -28.45
N HIS C 54 -51.16 -0.48 -28.96
CA HIS C 54 -52.52 -0.92 -29.25
C HIS C 54 -53.41 -0.81 -28.01
N TRP C 55 -54.71 -0.77 -28.21
CA TRP C 55 -55.62 -0.71 -27.07
C TRP C 55 -55.49 -2.03 -26.34
N HIS C 56 -55.58 -1.99 -25.01
CA HIS C 56 -55.47 -3.20 -24.19
C HIS C 56 -56.02 -2.98 -22.78
N ARG C 57 -56.05 -4.05 -22.00
CA ARG C 57 -56.56 -3.98 -20.64
C ARG C 57 -55.79 -4.91 -19.71
N VAL C 58 -55.58 -4.44 -18.49
CA VAL C 58 -54.96 -5.27 -17.47
C VAL C 58 -56.29 -5.57 -16.80
N THR C 59 -56.79 -6.77 -17.05
CA THR C 59 -58.10 -7.18 -16.56
C THR C 59 -58.46 -7.09 -15.09
N ASP C 60 -57.54 -7.45 -14.22
CA ASP C 60 -57.81 -7.45 -12.79
C ASP C 60 -56.85 -6.63 -11.93
N ALA C 61 -56.23 -5.61 -12.50
CA ALA C 61 -55.31 -4.80 -11.71
C ALA C 61 -55.21 -3.36 -12.16
N VAL C 62 -55.01 -2.49 -11.19
CA VAL C 62 -54.85 -1.07 -11.43
C VAL C 62 -53.40 -0.89 -11.87
N GLU C 63 -53.19 -0.14 -12.95
CA GLU C 63 -51.82 0.09 -13.39
C GLU C 63 -51.53 1.58 -13.28
N VAL C 64 -50.34 1.89 -12.77
CA VAL C 64 -49.91 3.27 -12.59
C VAL C 64 -48.76 3.61 -13.52
N TRP C 65 -48.94 4.67 -14.32
CA TRP C 65 -47.91 5.12 -15.25
C TRP C 65 -47.06 6.20 -14.60
N HIS C 66 -45.77 6.21 -14.93
CA HIS C 66 -44.83 7.19 -14.38
C HIS C 66 -43.92 7.75 -15.47
N TYR C 67 -43.99 9.07 -15.68
CA TYR C 67 -43.16 9.73 -16.67
C TYR C 67 -41.74 9.80 -16.13
N TYR C 68 -40.76 9.36 -16.92
CA TYR C 68 -39.38 9.43 -16.47
C TYR C 68 -38.57 10.40 -17.30
N ALA C 69 -38.69 10.32 -18.62
CA ALA C 69 -37.91 11.20 -19.49
C ALA C 69 -38.45 11.23 -20.91
N GLY C 70 -37.91 12.14 -21.71
CA GLY C 70 -38.35 12.28 -23.08
C GLY C 70 -39.56 13.18 -23.23
N ALA C 71 -40.16 13.15 -24.41
CA ALA C 71 -41.35 13.96 -24.69
C ALA C 71 -42.49 13.46 -23.83
N PRO C 72 -43.51 14.29 -23.61
CA PRO C 72 -44.62 13.81 -22.78
C PRO C 72 -45.43 12.76 -23.56
N ILE C 73 -46.29 12.05 -22.84
CA ILE C 73 -47.11 11.03 -23.46
C ILE C 73 -48.58 11.42 -23.50
N ALA C 74 -49.27 10.89 -24.50
CA ALA C 74 -50.70 11.09 -24.67
C ALA C 74 -51.26 9.72 -24.25
N LEU C 75 -51.94 9.68 -23.12
CA LEU C 75 -52.49 8.43 -22.61
C LEU C 75 -53.99 8.44 -22.80
N HIS C 76 -54.49 7.46 -23.53
CA HIS C 76 -55.92 7.36 -23.83
C HIS C 76 -56.62 6.27 -23.00
N LEU C 77 -57.57 6.70 -22.17
CA LEU C 77 -58.33 5.79 -21.31
C LEU C 77 -59.84 5.76 -21.61
N SER C 78 -60.44 4.58 -21.45
CA SER C 78 -61.86 4.37 -21.70
C SER C 78 -62.30 3.18 -20.85
N GLN C 79 -62.93 3.48 -19.70
CA GLN C 79 -63.36 2.43 -18.79
C GLN C 79 -64.57 1.63 -19.23
N ASP C 80 -65.54 2.30 -19.87
CA ASP C 80 -66.74 1.62 -20.34
C ASP C 80 -66.66 1.23 -21.81
N GLY C 81 -65.56 1.59 -22.47
CA GLY C 81 -65.38 1.24 -23.87
C GLY C 81 -66.14 2.11 -24.87
N ARG C 82 -66.88 3.09 -24.37
CA ARG C 82 -67.63 3.98 -25.26
C ARG C 82 -66.96 5.36 -25.31
N GLU C 83 -66.93 6.06 -24.18
CA GLU C 83 -66.33 7.39 -24.13
C GLU C 83 -64.86 7.30 -23.72
N VAL C 84 -64.02 8.16 -24.30
CA VAL C 84 -62.59 8.14 -23.98
C VAL C 84 -62.06 9.45 -23.37
N GLN C 85 -61.03 9.33 -22.55
CA GLN C 85 -60.42 10.49 -21.91
C GLN C 85 -58.91 10.46 -22.15
N THR C 86 -58.35 11.61 -22.48
CA THR C 86 -56.94 11.68 -22.72
C THR C 86 -56.23 12.49 -21.64
N PHE C 87 -55.11 11.96 -21.18
CA PHE C 87 -54.29 12.64 -20.17
C PHE C 87 -52.87 12.80 -20.70
N THR C 88 -52.28 13.95 -20.45
CA THR C 88 -50.92 14.18 -20.90
C THR C 88 -49.99 13.76 -19.78
N LEU C 89 -49.29 12.65 -19.99
CA LEU C 89 -48.35 12.14 -19.00
C LEU C 89 -47.02 12.87 -19.19
N GLY C 90 -46.77 13.87 -18.35
CA GLY C 90 -45.55 14.63 -18.48
C GLY C 90 -45.14 15.35 -17.21
N PRO C 91 -43.98 16.03 -17.23
CA PRO C 91 -43.51 16.75 -16.06
C PRO C 91 -43.91 18.24 -15.98
N ALA C 92 -44.66 18.72 -16.97
CA ALA C 92 -45.07 20.13 -16.97
C ALA C 92 -46.26 20.38 -16.03
N ILE C 93 -46.02 20.16 -14.75
CA ILE C 93 -46.99 20.32 -13.67
C ILE C 93 -47.79 21.63 -13.74
N LEU C 94 -47.08 22.75 -13.91
CA LEU C 94 -47.75 24.03 -13.94
C LEU C 94 -48.64 24.27 -15.15
N GLU C 95 -48.76 23.30 -16.04
CA GLU C 95 -49.65 23.48 -17.20
C GLU C 95 -50.60 22.31 -17.44
N GLY C 96 -51.12 21.75 -16.35
CA GLY C 96 -52.07 20.67 -16.46
C GLY C 96 -51.53 19.31 -16.84
N GLU C 97 -50.20 19.17 -16.82
CA GLU C 97 -49.58 17.90 -17.15
C GLU C 97 -49.37 17.15 -15.82
N ARG C 98 -49.45 15.82 -15.82
CA ARG C 98 -49.19 15.05 -14.59
C ARG C 98 -48.21 13.94 -14.94
N PRO C 99 -47.23 13.68 -14.06
CA PRO C 99 -46.24 12.63 -14.31
C PRO C 99 -46.70 11.29 -13.74
N GLN C 100 -47.88 11.30 -13.14
CA GLN C 100 -48.44 10.10 -12.55
C GLN C 100 -49.91 10.05 -12.93
N VAL C 101 -50.33 8.93 -13.49
CA VAL C 101 -51.72 8.79 -13.88
C VAL C 101 -52.17 7.37 -13.59
N ILE C 102 -53.23 7.25 -12.82
CA ILE C 102 -53.76 5.95 -12.44
C ILE C 102 -54.78 5.43 -13.44
N VAL C 103 -54.55 4.22 -13.94
CA VAL C 103 -55.48 3.62 -14.89
C VAL C 103 -56.23 2.56 -14.09
N PRO C 104 -57.52 2.77 -13.86
CA PRO C 104 -58.30 1.79 -13.10
C PRO C 104 -58.23 0.40 -13.70
N ALA C 105 -58.46 -0.60 -12.87
CA ALA C 105 -58.42 -1.97 -13.32
C ALA C 105 -59.41 -2.17 -14.46
N ASN C 106 -58.99 -2.98 -15.43
CA ASN C 106 -59.80 -3.31 -16.60
C ASN C 106 -60.13 -2.15 -17.53
N CYS C 107 -59.51 -0.99 -17.31
CA CYS C 107 -59.80 0.17 -18.16
C CYS C 107 -59.02 0.10 -19.46
N TRP C 108 -59.68 0.37 -20.58
CA TRP C 108 -58.99 0.34 -21.87
C TRP C 108 -57.95 1.44 -21.90
N GLN C 109 -56.74 1.09 -22.31
CA GLN C 109 -55.66 2.06 -22.38
C GLN C 109 -54.78 1.90 -23.62
N SER C 110 -54.27 3.03 -24.11
CA SER C 110 -53.41 3.07 -25.27
C SER C 110 -52.64 4.39 -25.17
N ALA C 111 -51.36 4.38 -25.51
CA ALA C 111 -50.60 5.63 -25.42
C ALA C 111 -49.72 5.89 -26.61
N GLU C 112 -49.22 7.12 -26.70
CA GLU C 112 -48.34 7.52 -27.79
C GLU C 112 -47.49 8.69 -27.35
N SER C 113 -46.21 8.63 -27.69
CA SER C 113 -45.27 9.68 -27.35
C SER C 113 -45.58 10.88 -28.26
N LEU C 114 -45.54 12.08 -27.70
CA LEU C 114 -45.78 13.28 -28.50
C LEU C 114 -44.46 13.79 -29.02
N GLY C 115 -43.45 12.94 -29.03
CA GLY C 115 -42.15 13.38 -29.52
C GLY C 115 -41.30 12.24 -30.04
N ASP C 116 -39.99 12.42 -29.95
CA ASP C 116 -39.06 11.41 -30.43
C ASP C 116 -39.27 10.15 -29.62
N PHE C 117 -39.40 10.31 -28.31
CA PHE C 117 -39.60 9.17 -27.43
C PHE C 117 -39.97 9.56 -26.00
N THR C 118 -40.46 8.58 -25.28
CA THR C 118 -40.82 8.75 -23.89
C THR C 118 -40.46 7.46 -23.15
N LEU C 119 -39.76 7.63 -22.04
CA LEU C 119 -39.36 6.53 -21.20
C LEU C 119 -40.27 6.67 -19.97
N VAL C 120 -40.99 5.61 -19.64
CA VAL C 120 -41.88 5.66 -18.48
C VAL C 120 -41.72 4.44 -17.60
N GLY C 121 -42.47 4.42 -16.51
CA GLY C 121 -42.44 3.30 -15.61
C GLY C 121 -43.88 2.81 -15.46
N CYS C 122 -44.05 1.53 -15.16
CA CYS C 122 -45.39 1.01 -14.98
C CYS C 122 -45.46 0.06 -13.80
N THR C 123 -46.36 0.39 -12.87
CA THR C 123 -46.57 -0.42 -11.66
C THR C 123 -47.96 -1.02 -11.68
N VAL C 124 -48.02 -2.31 -11.34
CA VAL C 124 -49.28 -3.00 -11.33
C VAL C 124 -49.35 -3.79 -10.04
N SER C 125 -50.49 -3.70 -9.38
CA SER C 125 -50.71 -4.38 -8.12
C SER C 125 -52.18 -4.79 -8.00
N PRO C 126 -52.45 -6.10 -7.86
CA PRO C 126 -51.48 -7.20 -7.81
C PRO C 126 -50.63 -7.33 -9.07
N GLY C 127 -49.51 -8.05 -8.95
CA GLY C 127 -48.60 -8.24 -10.06
C GLY C 127 -49.22 -8.48 -11.42
N PHE C 128 -48.65 -7.83 -12.43
CA PHE C 128 -49.16 -8.00 -13.79
C PHE C 128 -48.92 -9.42 -14.25
N ALA C 129 -49.87 -9.96 -15.01
CA ALA C 129 -49.78 -11.31 -15.53
C ALA C 129 -50.38 -11.28 -16.91
N PHE C 130 -49.71 -11.90 -17.87
CA PHE C 130 -50.26 -11.92 -19.23
C PHE C 130 -51.53 -12.76 -19.25
N SER C 131 -51.73 -13.57 -18.22
CA SER C 131 -52.94 -14.38 -18.14
C SER C 131 -54.11 -13.49 -17.74
N SER C 132 -53.84 -12.20 -17.61
CA SER C 132 -54.86 -11.21 -17.25
C SER C 132 -54.70 -10.01 -18.19
N PHE C 133 -54.17 -10.27 -19.38
CA PHE C 133 -53.91 -9.26 -20.39
C PHE C 133 -54.77 -9.48 -21.63
N VAL C 134 -55.49 -8.46 -22.05
CA VAL C 134 -56.35 -8.58 -23.23
C VAL C 134 -56.20 -7.40 -24.16
N ALA C 136 -57.29 -5.38 -27.85
CA ALA C 136 -58.41 -5.16 -28.74
C ALA C 136 -57.98 -5.63 -30.11
N GLU C 137 -58.95 -5.84 -30.98
CA GLU C 137 -58.67 -6.26 -32.35
C GLU C 137 -58.21 -4.98 -33.03
N PRO C 138 -57.27 -5.08 -33.97
CA PRO C 138 -56.81 -3.86 -34.63
C PRO C 138 -57.97 -3.11 -35.28
N GLY C 139 -57.87 -1.79 -35.29
CA GLY C 139 -58.92 -0.98 -35.87
C GLY C 139 -60.12 -0.81 -34.94
N TRP C 140 -59.94 -1.11 -33.67
CA TRP C 140 -61.03 -0.96 -32.72
C TRP C 140 -60.92 0.36 -31.96
N SER C 141 -62.06 0.82 -31.47
CA SER C 141 -62.19 2.06 -30.71
C SER C 141 -63.57 1.94 -30.06
N PRO C 142 -63.91 2.86 -29.16
CA PRO C 142 -63.12 4.01 -28.67
C PRO C 142 -62.22 3.53 -27.55
N SER D 6 18.47 19.08 41.27
CA SER D 6 17.82 18.56 40.07
C SER D 6 18.91 17.93 39.22
N ALA D 7 18.54 16.93 38.42
CA ALA D 7 19.50 16.26 37.58
C ALA D 7 20.34 17.26 36.78
N GLN D 8 19.68 18.26 36.21
CA GLN D 8 20.37 19.27 35.40
C GLN D 8 21.46 20.00 36.15
N ALA D 9 21.13 20.48 37.36
CA ALA D 9 22.10 21.20 38.18
C ALA D 9 23.27 20.30 38.59
N ILE D 10 22.98 19.02 38.77
CA ILE D 10 23.99 18.04 39.17
C ILE D 10 24.98 17.85 38.01
N ILE D 11 24.43 17.66 36.82
CA ILE D 11 25.23 17.47 35.61
C ILE D 11 26.09 18.70 35.40
N ARG D 12 25.47 19.86 35.61
CA ARG D 12 26.16 21.12 35.42
C ARG D 12 27.27 21.29 36.44
N GLU D 13 26.96 21.07 37.72
CA GLU D 13 27.93 21.23 38.80
C GLU D 13 29.11 20.26 38.80
N LEU D 14 28.90 19.04 38.33
CA LEU D 14 29.97 18.05 38.34
C LEU D 14 30.63 17.86 36.98
N GLY D 15 30.26 18.69 36.02
CA GLY D 15 30.87 18.57 34.71
C GLY D 15 30.60 17.26 34.01
N LEU D 16 29.47 16.62 34.33
CA LEU D 16 29.10 15.35 33.73
C LEU D 16 28.83 15.45 32.23
N GLU D 17 29.04 14.34 31.53
CA GLU D 17 28.82 14.24 30.09
C GLU D 17 28.07 12.93 29.84
N PRO D 18 27.40 12.81 28.68
CA PRO D 18 26.66 11.56 28.42
C PRO D 18 27.56 10.33 28.26
N HIS D 19 27.15 9.24 28.89
CA HIS D 19 27.87 7.97 28.88
C HIS D 19 27.26 7.03 27.85
N PRO D 20 28.10 6.22 27.20
CA PRO D 20 27.67 5.26 26.17
C PRO D 20 26.53 4.32 26.57
N GLU D 21 26.53 3.87 27.82
CA GLU D 21 25.48 2.94 28.27
C GLU D 21 24.21 3.67 28.64
N GLY D 22 24.27 4.99 28.58
CA GLY D 22 23.13 5.81 28.95
C GLY D 22 23.55 6.59 30.19
N GLY D 23 22.74 7.57 30.58
CA GLY D 23 23.07 8.37 31.75
C GLY D 23 24.26 9.29 31.49
N PHE D 24 24.66 10.04 32.50
CA PHE D 24 25.79 10.95 32.38
C PHE D 24 26.87 10.56 33.36
N TYR D 25 28.12 10.92 33.07
CA TYR D 25 29.20 10.58 33.97
C TYR D 25 30.43 11.46 33.81
N HIS D 26 31.39 11.24 34.69
CA HIS D 26 32.65 11.96 34.67
C HIS D 26 33.68 11.14 35.40
N GLN D 27 34.84 10.92 34.78
CA GLN D 27 35.87 10.15 35.47
C GLN D 27 36.57 11.14 36.39
N THR D 28 36.61 10.80 37.67
CA THR D 28 37.24 11.67 38.62
C THR D 28 38.65 11.23 38.96
N PHE D 29 38.95 9.95 38.74
CA PHE D 29 40.26 9.47 39.11
C PHE D 29 40.77 8.22 38.38
N ARG D 30 42.07 8.24 38.09
CA ARG D 30 42.74 7.09 37.48
C ARG D 30 44.11 7.04 38.14
N ASP D 31 44.26 6.06 39.03
CA ASP D 31 45.50 5.86 39.76
C ASP D 31 46.68 5.89 38.78
N LYS D 32 47.62 6.81 39.00
CA LYS D 32 48.78 6.91 38.12
C LYS D 32 49.75 5.76 38.37
N ALA D 33 49.47 4.95 39.40
CA ALA D 33 50.33 3.82 39.74
C ALA D 33 49.68 2.50 39.38
N GLY D 34 50.52 1.51 39.05
CA GLY D 34 50.02 0.19 38.70
C GLY D 34 49.53 0.01 37.27
N GLY D 35 50.43 0.10 36.31
CA GLY D 35 50.04 -0.08 34.92
C GLY D 35 49.48 1.17 34.27
N GLU D 36 49.35 1.12 32.95
CA GLU D 36 48.83 2.26 32.19
C GLU D 36 47.36 2.46 32.55
N ARG D 37 46.65 1.35 32.72
CA ARG D 37 45.24 1.39 33.08
C ARG D 37 45.08 1.92 34.51
N GLY D 38 46.14 1.77 35.30
CA GLY D 38 46.11 2.21 36.67
C GLY D 38 45.54 1.16 37.60
N HIS D 39 45.90 1.24 38.88
CA HIS D 39 45.39 0.30 39.87
C HIS D 39 43.87 0.36 39.89
N SER D 40 43.32 1.55 39.68
CA SER D 40 41.87 1.69 39.67
C SER D 40 41.43 3.04 39.11
N THR D 41 40.11 3.19 38.96
CA THR D 41 39.51 4.42 38.46
C THR D 41 38.29 4.75 39.29
N ALA D 42 37.89 6.03 39.28
CA ALA D 42 36.74 6.47 40.06
C ALA D 42 35.82 7.26 39.16
N ILE D 43 34.52 7.18 39.42
CA ILE D 43 33.58 7.87 38.58
C ILE D 43 32.26 8.31 39.22
N TYR D 44 31.76 9.47 38.80
CA TYR D 44 30.46 9.98 39.25
C TYR D 44 29.51 9.52 38.13
N TYR D 45 28.39 8.93 38.49
CA TYR D 45 27.44 8.46 37.48
C TYR D 45 26.04 8.93 37.84
N LEU D 46 25.32 9.43 36.83
CA LEU D 46 23.98 9.93 37.06
C LEU D 46 22.92 9.36 36.10
N LEU D 47 21.82 8.89 36.69
CA LEU D 47 20.73 8.34 35.90
C LEU D 47 19.47 9.16 36.13
N GLU D 48 18.92 9.68 35.03
CA GLU D 48 17.72 10.49 35.11
C GLU D 48 16.49 9.60 35.05
N LYS D 49 15.34 10.19 35.36
CA LYS D 49 14.08 9.49 35.34
C LYS D 49 13.87 8.81 34.00
N GLY D 50 13.52 7.53 34.03
CA GLY D 50 13.29 6.80 32.81
C GLY D 50 14.48 6.05 32.27
N VAL D 51 15.45 6.78 31.74
CA VAL D 51 16.62 6.13 31.17
C VAL D 51 17.27 5.05 32.04
N ARG D 52 17.45 3.88 31.44
CA ARG D 52 18.07 2.74 32.12
C ARG D 52 19.31 2.37 31.31
N SER D 53 20.43 2.16 31.99
CA SER D 53 21.65 1.79 31.30
C SER D 53 21.45 0.52 30.50
N HIS D 54 22.04 0.46 29.32
CA HIS D 54 21.93 -0.72 28.45
C HIS D 54 22.76 -1.82 29.07
N TRP D 55 22.32 -3.05 28.93
CA TRP D 55 23.10 -4.15 29.49
C TRP D 55 24.54 -4.08 29.00
N HIS D 56 25.47 -4.36 29.89
CA HIS D 56 26.88 -4.33 29.55
C HIS D 56 27.72 -5.02 30.61
N ARG D 57 29.03 -5.04 30.39
CA ARG D 57 29.91 -5.66 31.34
C ARG D 57 31.34 -5.18 31.19
N VAL D 58 32.10 -5.32 32.27
CA VAL D 58 33.51 -4.98 32.29
C VAL D 58 34.16 -6.36 32.25
N THR D 59 34.62 -6.74 31.07
CA THR D 59 35.22 -8.05 30.84
C THR D 59 36.28 -8.50 31.85
N ASP D 60 37.16 -7.59 32.28
CA ASP D 60 38.22 -7.99 33.20
C ASP D 60 38.36 -7.25 34.52
N ALA D 61 37.27 -6.69 35.05
CA ALA D 61 37.37 -5.96 36.31
C ALA D 61 36.09 -5.93 37.12
N VAL D 62 36.27 -5.84 38.43
CA VAL D 62 35.16 -5.79 39.39
C VAL D 62 34.71 -4.35 39.50
N GLU D 63 33.40 -4.10 39.42
CA GLU D 63 32.91 -2.74 39.53
C GLU D 63 32.05 -2.58 40.78
N VAL D 64 32.42 -1.60 41.60
CA VAL D 64 31.69 -1.33 42.83
C VAL D 64 30.84 -0.09 42.67
N TRP D 65 29.55 -0.23 42.98
CA TRP D 65 28.60 0.87 42.90
C TRP D 65 28.36 1.48 44.27
N HIS D 66 28.37 2.82 44.33
CA HIS D 66 28.16 3.51 45.60
C HIS D 66 27.06 4.58 45.49
N TYR D 67 25.98 4.41 46.24
CA TYR D 67 24.90 5.38 46.22
C TYR D 67 25.35 6.66 46.91
N TYR D 68 25.00 7.81 46.34
CA TYR D 68 25.36 9.08 46.93
C TYR D 68 24.14 9.94 47.21
N ALA D 69 23.29 10.11 46.21
CA ALA D 69 22.09 10.93 46.40
C ALA D 69 20.96 10.60 45.45
N GLY D 70 19.82 11.24 45.68
CA GLY D 70 18.65 11.00 44.84
C GLY D 70 17.88 9.77 45.28
N ALA D 71 16.94 9.35 44.45
CA ALA D 71 16.14 8.17 44.74
C ALA D 71 17.01 6.91 44.64
N PRO D 72 16.52 5.78 45.19
CA PRO D 72 17.28 4.53 45.15
C PRO D 72 17.42 4.02 43.71
N ILE D 73 18.27 3.03 43.49
CA ILE D 73 18.48 2.48 42.16
C ILE D 73 18.22 0.99 42.07
N ALA D 74 17.71 0.55 40.92
CA ALA D 74 17.47 -0.87 40.69
C ALA D 74 18.62 -1.33 39.83
N LEU D 75 19.55 -2.07 40.43
CA LEU D 75 20.73 -2.58 39.73
C LEU D 75 20.52 -4.05 39.40
N HIS D 76 20.42 -4.34 38.10
CA HIS D 76 20.18 -5.69 37.63
C HIS D 76 21.48 -6.38 37.23
N LEU D 77 21.71 -7.57 37.77
CA LEU D 77 22.93 -8.32 37.47
C LEU D 77 22.62 -9.68 36.85
N SER D 78 23.62 -10.24 36.19
CA SER D 78 23.50 -11.55 35.55
C SER D 78 24.89 -12.01 35.19
N GLN D 79 25.43 -12.91 36.01
CA GLN D 79 26.76 -13.43 35.80
C GLN D 79 26.85 -14.28 34.53
N ASP D 80 25.92 -15.21 34.38
CA ASP D 80 25.92 -16.10 33.22
C ASP D 80 25.02 -15.62 32.09
N GLY D 81 24.39 -14.46 32.28
CA GLY D 81 23.51 -13.93 31.26
C GLY D 81 22.28 -14.82 31.10
N ARG D 82 22.07 -15.71 32.05
CA ARG D 82 20.94 -16.61 32.02
C ARG D 82 19.90 -16.22 33.08
N GLU D 83 20.36 -16.03 34.31
CA GLU D 83 19.46 -15.64 35.40
C GLU D 83 19.79 -14.21 35.81
N VAL D 84 18.86 -13.53 36.46
CA VAL D 84 19.09 -12.15 36.87
C VAL D 84 18.65 -11.83 38.29
N GLN D 85 19.50 -11.13 39.04
CA GLN D 85 19.18 -10.75 40.41
C GLN D 85 19.15 -9.24 40.50
N THR D 86 18.20 -8.70 41.23
CA THR D 86 18.11 -7.25 41.37
C THR D 86 18.34 -6.75 42.79
N PHE D 87 19.40 -5.97 42.93
CA PHE D 87 19.76 -5.37 44.21
C PHE D 87 19.24 -3.94 44.18
N THR D 88 18.83 -3.43 45.33
CA THR D 88 18.34 -2.06 45.39
C THR D 88 19.38 -1.15 46.04
N LEU D 89 20.20 -0.54 45.20
CA LEU D 89 21.24 0.38 45.65
C LEU D 89 20.61 1.62 46.27
N GLY D 90 20.68 1.74 47.60
CA GLY D 90 20.08 2.87 48.29
C GLY D 90 20.57 3.05 49.71
N PRO D 91 20.14 4.13 50.39
CA PRO D 91 20.54 4.43 51.77
C PRO D 91 19.68 3.85 52.91
N ALA D 92 18.51 3.31 52.60
CA ALA D 92 17.65 2.73 53.63
C ALA D 92 18.18 1.36 54.07
N ILE D 93 19.21 1.38 54.90
CA ILE D 93 19.83 0.15 55.39
C ILE D 93 18.89 -0.62 56.30
N LEU D 94 18.11 0.11 57.09
CA LEU D 94 17.17 -0.48 58.02
C LEU D 94 15.90 -0.97 57.35
N GLU D 95 15.86 -0.92 56.02
CA GLU D 95 14.70 -1.36 55.27
C GLU D 95 15.07 -2.26 54.10
N GLY D 96 16.25 -2.86 54.14
CA GLY D 96 16.67 -3.73 53.05
C GLY D 96 17.71 -3.19 52.09
N GLU D 97 17.56 -1.93 51.69
CA GLU D 97 18.50 -1.30 50.76
C GLU D 97 19.97 -1.37 51.18
N ARG D 98 20.87 -1.15 50.21
CA ARG D 98 22.31 -1.16 50.43
C ARG D 98 23.00 -0.17 49.49
N PRO D 99 23.72 0.81 50.06
CA PRO D 99 24.45 1.85 49.33
C PRO D 99 25.72 1.37 48.64
N GLN D 100 26.00 0.08 48.77
CA GLN D 100 27.19 -0.48 48.14
C GLN D 100 26.88 -1.87 47.59
N VAL D 101 27.37 -2.15 46.40
CA VAL D 101 27.18 -3.46 45.78
C VAL D 101 28.31 -3.78 44.81
N ILE D 102 28.97 -4.91 45.06
CA ILE D 102 30.08 -5.37 44.25
C ILE D 102 29.56 -6.12 43.04
N VAL D 103 29.99 -5.69 41.86
CA VAL D 103 29.62 -6.33 40.62
C VAL D 103 30.85 -7.08 40.15
N PRO D 104 30.84 -8.42 40.21
CA PRO D 104 31.98 -9.23 39.78
C PRO D 104 32.38 -8.96 38.34
N ALA D 105 33.63 -9.26 38.01
CA ALA D 105 34.11 -9.03 36.64
C ALA D 105 33.35 -9.83 35.61
N ASN D 106 33.22 -9.26 34.40
CA ASN D 106 32.52 -9.88 33.28
C ASN D 106 31.06 -10.23 33.57
N CYS D 107 30.52 -9.69 34.65
CA CYS D 107 29.14 -9.94 34.98
C CYS D 107 28.24 -8.93 34.27
N TRP D 108 27.14 -9.39 33.68
CA TRP D 108 26.24 -8.48 33.00
C TRP D 108 25.59 -7.54 34.02
N GLN D 109 25.39 -6.29 33.63
CA GLN D 109 24.76 -5.31 34.50
C GLN D 109 24.02 -4.20 33.77
N SER D 110 22.89 -3.78 34.34
CA SER D 110 22.06 -2.69 33.80
C SER D 110 21.37 -2.09 35.00
N ALA D 111 21.06 -0.80 34.95
CA ALA D 111 20.43 -0.17 36.09
C ALA D 111 19.47 0.94 35.71
N GLU D 112 18.68 1.38 36.69
CA GLU D 112 17.72 2.45 36.44
C GLU D 112 17.24 3.06 37.74
N SER D 113 17.30 4.38 37.80
CA SER D 113 16.87 5.12 38.97
C SER D 113 15.39 4.90 39.20
N LEU D 114 14.97 4.90 40.47
CA LEU D 114 13.57 4.71 40.81
C LEU D 114 12.87 6.03 41.06
N GLY D 115 13.48 7.12 40.63
CA GLY D 115 12.88 8.42 40.84
C GLY D 115 13.29 9.42 39.79
N ASP D 116 13.38 10.68 40.19
CA ASP D 116 13.78 11.74 39.28
C ASP D 116 15.23 11.55 38.85
N PHE D 117 16.09 11.18 39.79
CA PHE D 117 17.50 10.93 39.48
C PHE D 117 18.17 10.16 40.61
N THR D 118 19.38 9.69 40.33
CA THR D 118 20.17 8.98 41.33
C THR D 118 21.64 9.15 41.00
N LEU D 119 22.36 9.86 41.87
CA LEU D 119 23.79 10.10 41.69
C LEU D 119 24.54 8.99 42.40
N VAL D 120 25.46 8.33 41.69
CA VAL D 120 26.20 7.24 42.29
C VAL D 120 27.68 7.33 41.98
N GLY D 121 28.41 6.32 42.44
CA GLY D 121 29.83 6.26 42.19
C GLY D 121 30.21 4.86 41.74
N CYS D 122 31.23 4.77 40.91
CA CYS D 122 31.68 3.47 40.43
C CYS D 122 33.21 3.43 40.45
N THR D 123 33.76 2.45 41.16
CA THR D 123 35.20 2.26 41.25
C THR D 123 35.52 0.92 40.59
N VAL D 124 36.38 0.96 39.59
CA VAL D 124 36.72 -0.26 38.86
C VAL D 124 38.03 -0.83 39.40
N SER D 125 37.87 -1.92 40.15
CA SER D 125 38.97 -2.60 40.83
C SER D 125 40.32 -2.49 40.14
N PRO D 126 40.53 -3.23 39.03
CA PRO D 126 41.86 -3.04 38.43
C PRO D 126 41.83 -2.07 37.27
N GLY D 127 41.48 -0.81 37.54
CA GLY D 127 41.42 0.21 36.51
C GLY D 127 40.28 -0.07 35.58
N PHE D 128 39.84 0.93 34.82
CA PHE D 128 38.75 0.78 33.87
C PHE D 128 39.18 1.32 32.53
N ALA D 129 38.87 0.57 31.48
CA ALA D 129 39.21 0.96 30.12
C ALA D 129 38.12 0.53 29.15
N PHE D 130 37.77 1.43 28.24
CA PHE D 130 36.74 1.13 27.25
C PHE D 130 37.15 -0.03 26.35
N SER D 131 38.45 -0.28 26.23
CA SER D 131 38.92 -1.38 25.39
C SER D 131 38.42 -2.72 25.93
N SER D 132 38.02 -2.74 27.20
CA SER D 132 37.51 -3.98 27.78
C SER D 132 36.08 -3.75 28.26
N PHE D 133 35.36 -2.95 27.48
CA PHE D 133 33.98 -2.60 27.75
C PHE D 133 33.08 -3.12 26.63
N VAL D 134 32.11 -3.95 26.97
CA VAL D 134 31.21 -4.50 25.97
C VAL D 134 29.75 -4.47 26.38
N ALA D 136 25.61 -5.28 25.41
CA ALA D 136 24.83 -6.25 24.65
C ALA D 136 23.98 -5.58 23.56
N GLU D 137 23.54 -6.40 22.61
CA GLU D 137 22.73 -5.92 21.51
C GLU D 137 21.40 -5.41 22.06
N PRO D 138 21.04 -4.16 21.74
CA PRO D 138 19.78 -3.58 22.23
C PRO D 138 18.57 -4.45 21.95
N GLY D 139 17.88 -4.87 23.01
CA GLY D 139 16.72 -5.72 22.85
C GLY D 139 16.92 -7.01 23.62
N TRP D 140 18.18 -7.44 23.67
CA TRP D 140 18.56 -8.67 24.38
C TRP D 140 18.28 -8.54 25.88
N SER D 141 18.08 -9.67 26.52
CA SER D 141 17.82 -9.72 27.95
C SER D 141 18.40 -11.03 28.44
N PRO D 142 18.96 -11.05 29.64
CA PRO D 142 19.55 -12.28 30.18
C PRO D 142 18.54 -13.45 30.17
N SER E 6 53.29 5.89 1.15
CA SER E 6 52.60 5.10 0.13
C SER E 6 53.42 3.92 -0.38
N ALA E 7 52.80 3.08 -1.19
CA ALA E 7 53.46 1.90 -1.76
C ALA E 7 54.67 2.28 -2.62
N GLN E 8 54.47 3.22 -3.54
CA GLN E 8 55.54 3.67 -4.42
C GLN E 8 56.71 4.21 -3.61
N ALA E 9 56.42 5.10 -2.67
CA ALA E 9 57.45 5.69 -1.83
C ALA E 9 58.31 4.62 -1.15
N ILE E 10 57.65 3.59 -0.62
CA ILE E 10 58.34 2.50 0.07
C ILE E 10 59.22 1.73 -0.92
N ILE E 11 58.66 1.45 -2.09
CA ILE E 11 59.40 0.73 -3.11
C ILE E 11 60.69 1.47 -3.40
N ARG E 12 60.63 2.80 -3.40
CA ARG E 12 61.79 3.63 -3.69
C ARG E 12 62.79 3.76 -2.55
N GLU E 13 62.30 4.12 -1.37
CA GLU E 13 63.17 4.28 -0.21
C GLU E 13 63.95 3.03 0.16
N LEU E 14 63.35 1.85 0.01
CA LEU E 14 64.01 0.59 0.35
C LEU E 14 64.62 -0.11 -0.85
N GLY E 15 64.31 0.39 -2.04
CA GLY E 15 64.85 -0.21 -3.25
C GLY E 15 64.31 -1.61 -3.50
N LEU E 16 63.00 -1.77 -3.43
CA LEU E 16 62.40 -3.07 -3.67
C LEU E 16 62.26 -3.32 -5.18
N GLU E 17 62.42 -4.58 -5.58
CA GLU E 17 62.28 -4.99 -6.97
C GLU E 17 61.24 -6.09 -7.02
N PRO E 18 60.63 -6.30 -8.20
CA PRO E 18 59.60 -7.33 -8.37
C PRO E 18 60.04 -8.71 -7.89
N HIS E 19 59.15 -9.41 -7.20
CA HIS E 19 59.47 -10.74 -6.72
C HIS E 19 58.70 -11.70 -7.64
N PRO E 20 59.34 -12.80 -8.04
CA PRO E 20 58.69 -13.76 -8.92
C PRO E 20 57.27 -14.17 -8.54
N GLU E 21 56.98 -14.19 -7.24
CA GLU E 21 55.66 -14.61 -6.78
C GLU E 21 54.65 -13.47 -6.78
N GLY E 22 55.13 -12.26 -7.07
CA GLY E 22 54.26 -11.11 -7.06
C GLY E 22 54.80 -10.16 -6.02
N GLY E 23 54.34 -8.92 -6.03
CA GLY E 23 54.83 -7.96 -5.05
C GLY E 23 56.25 -7.52 -5.32
N PHE E 24 56.80 -6.74 -4.39
CA PHE E 24 58.16 -6.21 -4.50
C PHE E 24 58.96 -6.58 -3.26
N TYR E 25 60.27 -6.77 -3.41
CA TYR E 25 61.09 -7.16 -2.27
C TYR E 25 62.55 -6.73 -2.38
N HIS E 26 63.34 -7.17 -1.41
CA HIS E 26 64.77 -6.88 -1.37
C HIS E 26 65.46 -7.73 -0.31
N GLN E 27 66.37 -8.62 -0.71
CA GLN E 27 67.05 -9.43 0.29
C GLN E 27 67.89 -8.49 1.14
N THR E 28 67.69 -8.57 2.44
CA THR E 28 68.39 -7.72 3.38
C THR E 28 69.50 -8.45 4.10
N PHE E 29 69.45 -9.78 4.05
CA PHE E 29 70.45 -10.56 4.75
C PHE E 29 70.55 -12.02 4.34
N ARG E 30 71.77 -12.53 4.37
CA ARG E 30 72.07 -13.93 4.09
C ARG E 30 73.21 -14.21 5.06
N ASP E 31 72.98 -15.10 6.02
CA ASP E 31 73.99 -15.45 7.02
C ASP E 31 75.24 -16.04 6.37
N LYS E 32 76.40 -15.51 6.72
CA LYS E 32 77.65 -16.02 6.17
C LYS E 32 77.95 -17.40 6.74
N ALA E 33 77.30 -17.71 7.86
CA ALA E 33 77.47 -18.99 8.53
C ALA E 33 76.34 -19.95 8.16
N GLY E 34 76.63 -21.24 8.21
CA GLY E 34 75.61 -22.24 7.89
C GLY E 34 75.57 -22.71 6.45
N GLY E 35 76.74 -22.93 5.86
CA GLY E 35 76.79 -23.39 4.48
C GLY E 35 76.73 -22.21 3.53
N GLU E 36 76.56 -22.47 2.24
CA GLU E 36 76.50 -21.38 1.29
C GLU E 36 75.11 -20.75 1.22
N ARG E 37 74.08 -21.56 1.41
CA ARG E 37 72.72 -21.02 1.39
C ARG E 37 72.51 -20.19 2.66
N GLY E 38 73.31 -20.52 3.69
CA GLY E 38 73.26 -19.81 4.95
C GLY E 38 72.30 -20.37 5.98
N HIS E 39 72.47 -19.94 7.23
CA HIS E 39 71.58 -20.39 8.29
C HIS E 39 70.20 -19.75 8.09
N SER E 40 70.17 -18.57 7.50
CA SER E 40 68.92 -17.87 7.27
C SER E 40 69.09 -16.70 6.33
N THR E 41 67.95 -16.11 5.93
CA THR E 41 67.95 -14.95 5.05
C THR E 41 66.86 -13.97 5.49
N ALA E 42 67.09 -12.68 5.26
CA ALA E 42 66.12 -11.65 5.63
C ALA E 42 65.65 -10.96 4.36
N ILE E 43 64.41 -10.49 4.40
CA ILE E 43 63.83 -9.86 3.22
C ILE E 43 62.70 -8.89 3.54
N TYR E 44 62.65 -7.79 2.79
CA TYR E 44 61.58 -6.82 2.95
C TYR E 44 60.64 -7.23 1.82
N TYR E 45 59.35 -7.41 2.12
CA TYR E 45 58.40 -7.81 1.10
C TYR E 45 57.19 -6.89 1.17
N LEU E 46 56.69 -6.52 0.00
CA LEU E 46 55.55 -5.61 -0.09
C LEU E 46 54.54 -6.06 -1.13
N LEU E 47 53.26 -6.08 -0.74
CA LEU E 47 52.17 -6.45 -1.62
C LEU E 47 51.26 -5.23 -1.80
N GLU E 48 51.04 -4.83 -3.05
CA GLU E 48 50.20 -3.69 -3.33
C GLU E 48 48.75 -4.14 -3.32
N LYS E 49 47.84 -3.17 -3.39
CA LYS E 49 46.42 -3.44 -3.40
C LYS E 49 45.96 -4.37 -4.51
N GLY E 50 45.04 -5.26 -4.16
CA GLY E 50 44.49 -6.18 -5.13
C GLY E 50 45.38 -7.25 -5.74
N VAL E 51 46.67 -7.24 -5.44
CA VAL E 51 47.53 -8.26 -6.01
C VAL E 51 47.78 -9.43 -5.05
N ARG E 52 47.38 -10.63 -5.49
CA ARG E 52 47.54 -11.83 -4.69
C ARG E 52 48.73 -12.67 -5.16
N SER E 53 49.72 -12.85 -4.28
CA SER E 53 50.89 -13.63 -4.65
C SER E 53 50.52 -15.05 -5.04
N HIS E 54 51.21 -15.58 -6.05
CA HIS E 54 50.97 -16.94 -6.54
C HIS E 54 51.16 -17.98 -5.46
N TRP E 55 50.39 -19.06 -5.55
CA TRP E 55 50.53 -20.14 -4.60
C TRP E 55 51.93 -20.68 -4.85
N HIS E 56 52.69 -20.87 -3.76
CA HIS E 56 54.04 -21.37 -3.88
C HIS E 56 54.43 -22.00 -2.56
N ARG E 57 55.57 -22.68 -2.56
CA ARG E 57 56.04 -23.28 -1.33
C ARG E 57 57.54 -23.45 -1.28
N VAL E 58 58.11 -23.01 -0.17
CA VAL E 58 59.53 -23.16 0.08
C VAL E 58 59.52 -24.59 0.57
N THR E 59 60.12 -25.48 -0.21
CA THR E 59 60.12 -26.90 0.08
C THR E 59 60.94 -27.46 1.23
N ASP E 60 62.04 -26.81 1.57
CA ASP E 60 62.90 -27.33 2.62
C ASP E 60 63.28 -26.33 3.71
N ALA E 61 62.49 -25.28 3.86
CA ALA E 61 62.79 -24.29 4.87
C ALA E 61 61.53 -23.68 5.44
N VAL E 62 61.62 -23.24 6.69
CA VAL E 62 60.51 -22.61 7.38
C VAL E 62 60.60 -21.10 7.13
N GLU E 63 59.53 -20.51 6.62
CA GLU E 63 59.53 -19.07 6.35
C GLU E 63 58.62 -18.39 7.37
N VAL E 64 59.15 -17.34 8.01
CA VAL E 64 58.40 -16.59 9.00
C VAL E 64 58.04 -15.22 8.44
N TRP E 65 56.79 -14.82 8.63
CA TRP E 65 56.31 -13.54 8.13
C TRP E 65 56.24 -12.53 9.26
N HIS E 66 56.65 -11.29 9.00
CA HIS E 66 56.61 -10.25 10.03
C HIS E 66 55.95 -8.96 9.53
N TYR E 67 54.81 -8.61 10.14
CA TYR E 67 54.14 -7.38 9.75
C TYR E 67 54.96 -6.16 10.14
N TYR E 68 55.10 -5.20 9.22
CA TYR E 68 55.84 -3.98 9.54
C TYR E 68 54.94 -2.74 9.45
N ALA E 69 54.25 -2.58 8.31
CA ALA E 69 53.36 -1.42 8.13
C ALA E 69 52.25 -1.65 7.09
N GLY E 70 51.28 -0.74 7.10
CA GLY E 70 50.17 -0.81 6.18
C GLY E 70 49.04 -1.63 6.73
N ALA E 71 48.06 -1.92 5.89
CA ALA E 71 46.92 -2.72 6.28
C ALA E 71 47.42 -4.13 6.60
N PRO E 72 46.59 -4.94 7.26
CA PRO E 72 47.05 -6.29 7.56
C PRO E 72 47.04 -7.14 6.28
N ILE E 73 47.60 -8.34 6.38
CA ILE E 73 47.65 -9.25 5.25
C ILE E 73 46.85 -10.50 5.57
N ALA E 74 46.25 -11.09 4.54
CA ALA E 74 45.48 -12.32 4.68
C ALA E 74 46.37 -13.44 4.13
N LEU E 75 47.04 -14.15 5.02
CA LEU E 75 47.93 -15.23 4.60
C LEU E 75 47.19 -16.56 4.48
N HIS E 76 47.15 -17.13 3.28
CA HIS E 76 46.48 -18.40 3.04
C HIS E 76 47.52 -19.53 3.02
N LEU E 77 47.32 -20.54 3.88
CA LEU E 77 48.24 -21.67 3.97
C LEU E 77 47.59 -23.04 3.79
N SER E 78 48.34 -23.97 3.23
CA SER E 78 47.84 -25.32 3.01
C SER E 78 49.02 -26.30 2.98
N GLN E 79 49.12 -27.14 4.01
CA GLN E 79 50.23 -28.07 4.07
C GLN E 79 50.10 -29.20 3.06
N ASP E 80 48.87 -29.65 2.85
CA ASP E 80 48.62 -30.74 1.93
C ASP E 80 48.09 -30.31 0.56
N GLY E 81 47.65 -29.07 0.46
CA GLY E 81 47.13 -28.59 -0.80
C GLY E 81 45.68 -28.97 -1.00
N ARG E 82 45.06 -29.50 0.05
CA ARG E 82 43.66 -29.89 -0.03
C ARG E 82 42.77 -28.98 0.82
N GLU E 83 43.24 -28.60 2.01
CA GLU E 83 42.49 -27.70 2.88
C GLU E 83 43.26 -26.39 2.99
N VAL E 84 42.54 -25.27 3.08
CA VAL E 84 43.20 -23.99 3.20
C VAL E 84 42.77 -23.28 4.48
N GLN E 85 43.75 -22.80 5.24
CA GLN E 85 43.45 -22.07 6.45
C GLN E 85 43.97 -20.67 6.22
N THR E 86 43.22 -19.66 6.65
CA THR E 86 43.67 -18.31 6.45
C THR E 86 44.00 -17.64 7.77
N PHE E 87 45.12 -16.92 7.79
CA PHE E 87 45.57 -16.21 8.98
C PHE E 87 45.66 -14.74 8.62
N THR E 88 45.54 -13.89 9.61
CA THR E 88 45.66 -12.46 9.39
C THR E 88 46.93 -11.98 10.04
N LEU E 89 47.85 -11.50 9.21
CA LEU E 89 49.14 -10.99 9.65
C LEU E 89 48.94 -9.50 9.92
N GLY E 90 48.85 -9.14 11.20
CA GLY E 90 48.64 -7.75 11.56
C GLY E 90 49.00 -7.43 12.99
N PRO E 91 48.93 -6.16 13.39
CA PRO E 91 49.26 -5.72 14.75
C PRO E 91 48.09 -5.72 15.74
N ALA E 92 46.88 -5.94 15.24
CA ALA E 92 45.70 -5.95 16.09
C ALA E 92 45.67 -7.22 16.93
N ILE E 93 46.66 -7.35 17.81
CA ILE E 93 46.78 -8.49 18.70
C ILE E 93 45.47 -8.88 19.37
N LEU E 94 44.74 -7.88 19.86
CA LEU E 94 43.49 -8.10 20.54
C LEU E 94 42.27 -8.28 19.64
N GLU E 95 42.48 -8.65 18.39
CA GLU E 95 41.37 -8.84 17.46
C GLU E 95 41.51 -10.17 16.74
N GLY E 96 42.59 -10.89 17.03
CA GLY E 96 42.82 -12.16 16.38
C GLY E 96 44.03 -12.12 15.46
N GLU E 97 44.50 -10.92 15.13
CA GLU E 97 45.66 -10.78 14.25
C GLU E 97 46.94 -11.14 14.98
N ARG E 98 47.94 -11.51 14.19
CA ARG E 98 49.25 -11.86 14.72
C ARG E 98 50.27 -11.29 13.73
N PRO E 99 51.23 -10.50 14.24
CA PRO E 99 52.28 -9.89 13.42
C PRO E 99 53.37 -10.87 13.04
N GLN E 100 53.27 -12.08 13.57
CA GLN E 100 54.26 -13.10 13.28
C GLN E 100 53.59 -14.45 13.00
N VAL E 101 53.61 -14.89 11.75
CA VAL E 101 53.02 -16.17 11.39
C VAL E 101 54.07 -17.08 10.76
N ILE E 102 54.22 -18.27 11.33
CA ILE E 102 55.22 -19.21 10.86
C ILE E 102 54.67 -20.23 9.87
N VAL E 103 55.28 -20.28 8.69
CA VAL E 103 54.87 -21.22 7.65
C VAL E 103 55.84 -22.39 7.66
N PRO E 104 55.36 -23.60 7.97
CA PRO E 104 56.25 -24.77 7.99
C PRO E 104 56.78 -25.18 6.62
N ALA E 105 57.88 -25.92 6.65
CA ALA E 105 58.51 -26.39 5.43
C ALA E 105 57.52 -27.14 4.54
N ASN E 106 57.59 -26.84 3.24
CA ASN E 106 56.75 -27.44 2.21
C ASN E 106 55.27 -27.06 2.22
N CYS E 107 54.91 -26.10 3.05
CA CYS E 107 53.51 -25.70 3.11
C CYS E 107 53.16 -24.66 2.04
N TRP E 108 52.07 -24.87 1.32
CA TRP E 108 51.67 -23.92 0.30
C TRP E 108 51.32 -22.65 1.04
N GLN E 109 51.60 -21.51 0.43
CA GLN E 109 51.31 -20.22 1.01
C GLN E 109 50.93 -19.22 -0.08
N SER E 110 50.14 -18.22 0.29
CA SER E 110 49.68 -17.21 -0.64
C SER E 110 49.18 -16.03 0.17
N ALA E 111 49.37 -14.82 -0.32
CA ALA E 111 48.93 -13.69 0.47
C ALA E 111 48.44 -12.49 -0.34
N GLU E 112 47.72 -11.62 0.34
CA GLU E 112 47.20 -10.40 -0.25
C GLU E 112 46.95 -9.40 0.83
N SER E 113 47.19 -8.14 0.50
CA SER E 113 46.98 -7.06 1.45
C SER E 113 45.48 -6.79 1.53
N LEU E 114 44.97 -6.66 2.75
CA LEU E 114 43.57 -6.39 2.93
C LEU E 114 43.32 -4.90 2.71
N GLY E 115 44.38 -4.16 2.38
CA GLY E 115 44.28 -2.73 2.15
C GLY E 115 45.06 -2.26 0.94
N ASP E 116 45.43 -0.99 0.91
CA ASP E 116 46.17 -0.45 -0.23
C ASP E 116 47.55 -1.05 -0.39
N PHE E 117 48.21 -1.38 0.72
CA PHE E 117 49.53 -1.99 0.68
C PHE E 117 49.91 -2.54 2.04
N THR E 118 50.86 -3.46 2.04
CA THR E 118 51.35 -4.04 3.30
C THR E 118 52.84 -4.36 3.15
N LEU E 119 53.62 -3.82 4.07
CA LEU E 119 55.05 -4.03 4.11
C LEU E 119 55.33 -5.02 5.23
N VAL E 120 55.87 -6.17 4.86
CA VAL E 120 56.19 -7.20 5.81
C VAL E 120 57.65 -7.57 5.66
N GLY E 121 58.08 -8.51 6.51
CA GLY E 121 59.43 -9.03 6.50
C GLY E 121 59.33 -10.54 6.45
N CYS E 122 60.32 -11.18 5.86
CA CYS E 122 60.35 -12.63 5.75
C CYS E 122 61.74 -13.16 6.05
N THR E 123 61.78 -14.10 6.99
CA THR E 123 63.01 -14.76 7.40
C THR E 123 62.81 -16.23 7.03
N VAL E 124 63.85 -16.85 6.48
CA VAL E 124 63.72 -18.22 6.02
C VAL E 124 64.85 -19.07 6.52
N SER E 125 64.69 -20.36 6.50
CA SER E 125 65.74 -21.00 7.22
C SER E 125 65.71 -22.45 7.18
N PRO E 126 66.64 -23.07 6.53
CA PRO E 126 67.80 -22.64 5.81
C PRO E 126 67.54 -21.55 4.82
N GLY E 127 68.50 -20.63 4.65
CA GLY E 127 68.32 -19.49 3.77
C GLY E 127 67.61 -19.79 2.47
N PHE E 128 66.74 -18.85 2.06
CA PHE E 128 65.99 -19.01 0.85
C PHE E 128 66.88 -19.25 -0.35
N ALA E 129 66.52 -20.27 -1.11
CA ALA E 129 67.22 -20.66 -2.33
C ALA E 129 66.16 -20.97 -3.37
N PHE E 130 66.13 -20.15 -4.41
CA PHE E 130 65.17 -20.31 -5.49
C PHE E 130 65.12 -21.73 -6.05
N SER E 131 66.12 -22.54 -5.77
CA SER E 131 66.09 -23.91 -6.25
C SER E 131 65.24 -24.80 -5.34
N SER E 132 64.69 -24.23 -4.28
CA SER E 132 63.83 -24.98 -3.36
C SER E 132 62.46 -24.31 -3.39
N PHE E 133 62.31 -23.41 -4.36
CA PHE E 133 61.09 -22.65 -4.55
C PHE E 133 60.26 -23.29 -5.69
N VAL E 134 58.98 -23.49 -5.44
CA VAL E 134 58.09 -24.07 -6.45
C VAL E 134 56.76 -23.34 -6.46
N ALA E 136 52.72 -23.08 -8.05
CA ALA E 136 51.62 -23.88 -8.58
C ALA E 136 51.26 -23.33 -9.96
N GLU E 137 50.59 -24.16 -10.76
CA GLU E 137 50.15 -23.75 -12.08
C GLU E 137 49.12 -22.64 -11.91
N PRO E 138 49.22 -21.58 -12.69
CA PRO E 138 48.23 -20.50 -12.53
C PRO E 138 46.80 -21.06 -12.72
N GLY E 139 45.95 -20.84 -11.71
CA GLY E 139 44.56 -21.28 -11.71
C GLY E 139 44.21 -22.35 -10.69
N TRP E 140 45.25 -22.91 -10.08
CA TRP E 140 45.17 -23.97 -9.07
C TRP E 140 44.92 -23.39 -7.67
N SER E 141 44.26 -24.14 -6.78
CA SER E 141 44.04 -23.64 -5.40
C SER E 141 43.79 -24.90 -4.54
N PRO E 142 44.31 -24.96 -3.30
CA PRO E 142 44.01 -26.21 -2.53
C PRO E 142 42.50 -26.67 -2.88
N GLY E 143 42.37 -27.81 -3.51
CA GLY E 143 41.05 -28.05 -4.16
C GLY E 143 40.93 -27.80 -5.70
N SER F 6 -1.90 -29.31 -56.14
CA SER F 6 -2.35 -29.71 -57.48
C SER F 6 -3.60 -30.35 -57.28
N ALA F 7 -4.57 -29.70 -57.86
CA ALA F 7 -5.86 -30.18 -57.64
C ALA F 7 -5.71 -31.68 -57.52
N GLN F 8 -4.95 -32.31 -58.40
CA GLN F 8 -4.77 -33.76 -58.35
C GLN F 8 -4.04 -34.20 -57.07
N ALA F 9 -2.94 -33.51 -56.78
CA ALA F 9 -2.12 -33.81 -55.60
C ALA F 9 -2.91 -33.67 -54.31
N ILE F 10 -3.83 -32.72 -54.29
CA ILE F 10 -4.67 -32.49 -53.12
C ILE F 10 -5.54 -33.73 -52.90
N ILE F 11 -6.20 -34.16 -53.96
CA ILE F 11 -7.07 -35.33 -53.94
C ILE F 11 -6.39 -36.55 -53.33
N ARG F 12 -5.12 -36.74 -53.69
CA ARG F 12 -4.34 -37.87 -53.19
C ARG F 12 -4.01 -37.73 -51.70
N GLU F 13 -3.41 -36.59 -51.35
CA GLU F 13 -3.01 -36.33 -49.96
C GLU F 13 -4.14 -36.33 -48.92
N LEU F 14 -5.32 -35.89 -49.32
CA LEU F 14 -6.46 -35.85 -48.40
C LEU F 14 -7.37 -37.04 -48.63
N GLY F 15 -7.08 -37.80 -49.68
CA GLY F 15 -7.89 -38.98 -49.98
C GLY F 15 -9.32 -38.64 -50.32
N LEU F 16 -9.51 -37.79 -51.33
CA LEU F 16 -10.83 -37.40 -51.76
C LEU F 16 -11.37 -38.41 -52.77
N GLU F 17 -12.69 -38.52 -52.86
CA GLU F 17 -13.34 -39.42 -53.79
C GLU F 17 -14.50 -38.68 -54.45
N PRO F 18 -14.95 -39.15 -55.62
CA PRO F 18 -16.07 -38.51 -56.33
C PRO F 18 -17.27 -38.25 -55.44
N HIS F 19 -17.93 -37.11 -55.67
CA HIS F 19 -19.12 -36.77 -54.89
C HIS F 19 -20.34 -36.84 -55.78
N PRO F 20 -21.46 -37.36 -55.26
CA PRO F 20 -22.67 -37.46 -56.06
C PRO F 20 -23.05 -36.20 -56.83
N GLU F 21 -22.87 -35.04 -56.21
CA GLU F 21 -23.21 -33.78 -56.86
C GLU F 21 -22.05 -33.29 -57.74
N GLY F 22 -21.06 -34.16 -57.93
CA GLY F 22 -19.90 -33.80 -58.73
C GLY F 22 -18.79 -33.26 -57.86
N GLY F 23 -17.54 -33.40 -58.31
CA GLY F 23 -16.42 -32.92 -57.53
C GLY F 23 -15.89 -34.00 -56.63
N PHE F 24 -14.92 -33.68 -55.78
CA PHE F 24 -14.35 -34.68 -54.88
C PHE F 24 -14.45 -34.29 -53.40
N TYR F 25 -14.63 -35.27 -52.53
CA TYR F 25 -14.74 -35.00 -51.11
C TYR F 25 -14.22 -36.13 -50.25
N HIS F 26 -14.45 -35.99 -48.95
CA HIS F 26 -14.06 -36.97 -47.95
C HIS F 26 -14.52 -36.46 -46.58
N GLN F 27 -15.50 -37.14 -46.00
CA GLN F 27 -15.99 -36.74 -44.70
C GLN F 27 -14.88 -36.90 -43.67
N THR F 28 -14.77 -35.90 -42.80
CA THR F 28 -13.75 -35.90 -41.77
C THR F 28 -14.36 -35.85 -40.39
N PHE F 29 -15.69 -35.75 -40.32
CA PHE F 29 -16.33 -35.67 -39.01
C PHE F 29 -17.85 -35.81 -38.96
N ARG F 30 -18.31 -36.61 -38.00
CA ARG F 30 -19.73 -36.80 -37.73
C ARG F 30 -19.82 -36.81 -36.19
N ASP F 31 -20.42 -35.76 -35.64
CA ASP F 31 -20.54 -35.61 -34.19
C ASP F 31 -21.24 -36.79 -33.51
N LYS F 32 -20.54 -37.45 -32.60
CA LYS F 32 -21.08 -38.59 -31.86
C LYS F 32 -22.20 -38.16 -30.91
N ALA F 33 -22.65 -36.92 -31.02
CA ALA F 33 -23.72 -36.42 -30.16
C ALA F 33 -24.85 -35.74 -30.91
N GLY F 34 -26.08 -35.98 -30.44
CA GLY F 34 -27.25 -35.38 -31.07
C GLY F 34 -27.83 -36.21 -32.20
N GLY F 35 -28.23 -37.44 -31.89
CA GLY F 35 -28.81 -38.30 -32.90
C GLY F 35 -27.74 -39.19 -33.51
N GLU F 36 -28.15 -40.09 -34.39
CA GLU F 36 -27.19 -40.99 -35.05
C GLU F 36 -26.52 -40.24 -36.19
N ARG F 37 -27.23 -39.24 -36.73
CA ARG F 37 -26.69 -38.44 -37.82
C ARG F 37 -25.74 -37.43 -37.19
N GLY F 38 -25.81 -37.33 -35.87
CA GLY F 38 -24.96 -36.43 -35.11
C GLY F 38 -25.47 -35.00 -35.09
N HIS F 39 -24.78 -34.15 -34.33
CA HIS F 39 -25.14 -32.74 -34.22
C HIS F 39 -24.60 -31.96 -35.42
N SER F 40 -23.57 -32.51 -36.06
CA SER F 40 -22.95 -31.89 -37.22
C SER F 40 -21.99 -32.83 -37.94
N THR F 41 -21.66 -32.48 -39.18
CA THR F 41 -20.71 -33.26 -39.98
C THR F 41 -19.74 -32.29 -40.65
N ALA F 42 -18.54 -32.77 -40.93
CA ALA F 42 -17.53 -31.94 -41.58
C ALA F 42 -17.01 -32.68 -42.80
N ILE F 43 -16.86 -31.95 -43.89
CA ILE F 43 -16.38 -32.54 -45.13
C ILE F 43 -15.28 -31.71 -45.77
N TYR F 44 -14.43 -32.37 -46.54
CA TYR F 44 -13.38 -31.68 -47.30
C TYR F 44 -14.03 -31.78 -48.69
N TYR F 45 -13.94 -30.73 -49.48
CA TYR F 45 -14.55 -30.75 -50.80
C TYR F 45 -13.71 -30.00 -51.82
N LEU F 46 -13.67 -30.53 -53.05
CA LEU F 46 -12.89 -29.91 -54.10
C LEU F 46 -13.63 -29.86 -55.43
N LEU F 47 -13.46 -28.75 -56.15
CA LEU F 47 -14.09 -28.57 -57.45
C LEU F 47 -13.01 -28.20 -58.45
N GLU F 48 -12.86 -29.02 -59.49
CA GLU F 48 -11.86 -28.74 -60.51
C GLU F 48 -12.38 -27.82 -61.60
N LYS F 49 -11.49 -27.52 -62.55
CA LYS F 49 -11.82 -26.65 -63.66
C LYS F 49 -13.02 -27.19 -64.45
N GLY F 50 -13.85 -26.28 -64.93
CA GLY F 50 -15.02 -26.65 -65.73
C GLY F 50 -16.12 -27.46 -65.09
N VAL F 51 -15.83 -28.19 -64.01
CA VAL F 51 -16.86 -28.98 -63.37
C VAL F 51 -17.63 -28.17 -62.32
N ARG F 52 -18.96 -28.24 -62.38
CA ARG F 52 -19.79 -27.48 -61.46
C ARG F 52 -20.90 -28.29 -60.78
N SER F 53 -20.95 -28.24 -59.45
CA SER F 53 -21.96 -28.97 -58.68
C SER F 53 -23.32 -28.94 -59.35
N HIS F 54 -23.98 -30.10 -59.43
CA HIS F 54 -25.31 -30.15 -60.03
C HIS F 54 -26.20 -29.55 -58.94
N TRP F 55 -27.26 -28.87 -59.34
CA TRP F 55 -28.16 -28.27 -58.36
C TRP F 55 -28.66 -29.30 -57.35
N HIS F 56 -28.75 -28.90 -56.10
CA HIS F 56 -29.22 -29.79 -55.04
C HIS F 56 -29.62 -29.00 -53.80
N ARG F 57 -30.00 -29.74 -52.77
CA ARG F 57 -30.37 -29.10 -51.52
C ARG F 57 -30.56 -30.10 -50.40
N VAL F 58 -30.14 -29.68 -49.21
CA VAL F 58 -30.25 -30.50 -48.01
C VAL F 58 -31.49 -29.98 -47.33
N THR F 59 -32.56 -30.76 -47.35
CA THR F 59 -33.83 -30.32 -46.76
C THR F 59 -33.79 -29.97 -45.28
N ASP F 60 -33.37 -30.91 -44.43
CA ASP F 60 -33.36 -30.66 -43.00
C ASP F 60 -32.04 -30.20 -42.39
N ALA F 61 -31.29 -29.36 -43.10
CA ALA F 61 -30.02 -28.89 -42.55
C ALA F 61 -29.45 -27.64 -43.21
N VAL F 62 -28.60 -26.94 -42.48
CA VAL F 62 -27.95 -25.74 -42.98
C VAL F 62 -26.53 -26.13 -43.35
N GLU F 63 -26.02 -25.60 -44.47
CA GLU F 63 -24.67 -25.94 -44.89
C GLU F 63 -23.81 -24.69 -45.01
N VAL F 64 -22.66 -24.71 -44.35
CA VAL F 64 -21.74 -23.57 -44.41
C VAL F 64 -20.49 -23.97 -45.18
N TRP F 65 -20.11 -23.13 -46.14
CA TRP F 65 -18.93 -23.36 -46.96
C TRP F 65 -17.71 -22.61 -46.43
N HIS F 66 -16.54 -23.24 -46.49
CA HIS F 66 -15.32 -22.61 -46.01
C HIS F 66 -14.21 -22.61 -47.04
N TYR F 67 -13.81 -21.44 -47.49
CA TYR F 67 -12.73 -21.37 -48.45
C TYR F 67 -11.42 -21.80 -47.80
N TYR F 68 -10.72 -22.76 -48.38
CA TYR F 68 -9.44 -23.18 -47.83
C TYR F 68 -8.27 -22.84 -48.76
N ALA F 69 -8.44 -23.03 -50.06
CA ALA F 69 -7.35 -22.74 -51.00
C ALA F 69 -7.79 -22.71 -52.46
N GLY F 70 -6.90 -22.24 -53.32
CA GLY F 70 -7.21 -22.16 -54.74
C GLY F 70 -8.02 -20.93 -55.10
N ALA F 71 -8.60 -20.94 -56.30
CA ALA F 71 -9.41 -19.82 -56.74
C ALA F 71 -10.71 -19.82 -55.97
N PRO F 72 -11.38 -18.65 -55.89
CA PRO F 72 -12.65 -18.56 -55.18
C PRO F 72 -13.75 -19.32 -55.91
N ILE F 73 -14.91 -19.40 -55.28
CA ILE F 73 -16.03 -20.12 -55.85
C ILE F 73 -17.28 -19.28 -56.11
N ALA F 74 -18.02 -19.68 -57.13
CA ALA F 74 -19.26 -18.99 -57.48
C ALA F 74 -20.40 -19.87 -56.96
N LEU F 75 -20.76 -19.65 -55.70
CA LEU F 75 -21.84 -20.42 -55.10
C LEU F 75 -23.20 -19.81 -55.42
N HIS F 76 -23.96 -20.49 -56.28
CA HIS F 76 -25.28 -20.03 -56.70
C HIS F 76 -26.40 -20.59 -55.81
N LEU F 77 -27.15 -19.70 -55.16
CA LEU F 77 -28.23 -20.13 -54.28
C LEU F 77 -29.62 -19.74 -54.74
N SER F 78 -30.62 -20.49 -54.29
CA SER F 78 -32.01 -20.21 -54.62
C SER F 78 -32.93 -20.84 -53.57
N GLN F 79 -33.73 -20.00 -52.92
CA GLN F 79 -34.64 -20.47 -51.88
C GLN F 79 -35.99 -20.93 -52.41
N ASP F 80 -36.54 -20.19 -53.37
CA ASP F 80 -37.84 -20.53 -53.93
C ASP F 80 -37.70 -21.10 -55.35
N GLY F 81 -36.51 -21.60 -55.66
CA GLY F 81 -36.23 -22.19 -56.96
C GLY F 81 -36.65 -21.41 -58.20
N ARG F 82 -36.83 -20.11 -58.05
CA ARG F 82 -37.24 -19.27 -59.17
C ARG F 82 -36.17 -18.24 -59.42
N GLU F 83 -35.75 -17.56 -58.36
CA GLU F 83 -34.72 -16.52 -58.47
C GLU F 83 -33.42 -17.07 -57.92
N VAL F 84 -32.32 -16.76 -58.59
CA VAL F 84 -31.01 -17.23 -58.15
C VAL F 84 -30.11 -16.05 -57.82
N GLN F 85 -29.26 -16.25 -56.82
CA GLN F 85 -28.32 -15.21 -56.39
C GLN F 85 -26.96 -15.84 -56.09
N THR F 86 -25.91 -15.21 -56.60
CA THR F 86 -24.56 -15.71 -56.42
C THR F 86 -23.80 -14.97 -55.31
N PHE F 87 -22.76 -15.64 -54.80
CA PHE F 87 -21.89 -15.12 -53.76
C PHE F 87 -20.51 -15.67 -54.03
N THR F 88 -19.50 -14.82 -54.08
CA THR F 88 -18.15 -15.31 -54.34
C THR F 88 -17.48 -15.80 -53.07
N LEU F 89 -17.32 -17.12 -52.98
CA LEU F 89 -16.68 -17.74 -51.81
C LEU F 89 -15.15 -17.67 -51.96
N GLY F 90 -14.55 -16.64 -51.38
CA GLY F 90 -13.11 -16.49 -51.48
C GLY F 90 -12.53 -15.72 -50.32
N PRO F 91 -11.20 -15.57 -50.25
CA PRO F 91 -10.54 -14.84 -49.16
C PRO F 91 -10.40 -13.34 -49.36
N ALA F 92 -10.61 -12.85 -50.58
CA ALA F 92 -10.49 -11.43 -50.88
C ALA F 92 -11.58 -10.62 -50.22
N ILE F 93 -11.43 -10.40 -48.91
CA ILE F 93 -12.41 -9.67 -48.11
C ILE F 93 -12.75 -8.30 -48.70
N LEU F 94 -11.74 -7.61 -49.20
CA LEU F 94 -11.92 -6.28 -49.77
C LEU F 94 -12.48 -6.31 -51.19
N GLU F 95 -12.16 -7.37 -51.93
CA GLU F 95 -12.65 -7.48 -53.29
C GLU F 95 -14.08 -8.01 -53.33
N GLY F 96 -14.83 -7.79 -52.25
CA GLY F 96 -16.21 -8.23 -52.20
C GLY F 96 -16.42 -9.65 -51.70
N GLU F 97 -15.40 -10.49 -51.86
CA GLU F 97 -15.47 -11.88 -51.44
C GLU F 97 -15.66 -12.11 -49.94
N ARG F 98 -16.00 -13.35 -49.60
CA ARG F 98 -16.21 -13.82 -48.24
C ARG F 98 -15.79 -15.28 -48.19
N PRO F 99 -14.96 -15.67 -47.21
CA PRO F 99 -14.53 -17.07 -47.16
C PRO F 99 -15.53 -17.96 -46.43
N GLN F 100 -16.65 -17.40 -46.03
CA GLN F 100 -17.67 -18.19 -45.33
C GLN F 100 -19.08 -17.82 -45.79
N VAL F 101 -19.77 -18.78 -46.41
CA VAL F 101 -21.13 -18.52 -46.87
C VAL F 101 -22.10 -19.54 -46.25
N ILE F 102 -23.14 -19.02 -45.62
CA ILE F 102 -24.14 -19.85 -44.96
C ILE F 102 -25.29 -20.15 -45.92
N VAL F 103 -25.57 -21.43 -46.15
CA VAL F 103 -26.65 -21.83 -47.04
C VAL F 103 -27.86 -22.31 -46.22
N PRO F 104 -28.98 -21.57 -46.29
CA PRO F 104 -30.19 -21.92 -45.55
C PRO F 104 -30.65 -23.36 -45.76
N ALA F 105 -31.41 -23.87 -44.78
CA ALA F 105 -31.91 -25.23 -44.85
C ALA F 105 -32.86 -25.39 -46.03
N ASN F 106 -32.78 -26.55 -46.68
CA ASN F 106 -33.63 -26.87 -47.84
C ASN F 106 -33.53 -25.84 -48.95
N CYS F 107 -32.34 -25.26 -49.09
CA CYS F 107 -32.10 -24.23 -50.10
C CYS F 107 -31.30 -24.72 -51.31
N TRP F 108 -31.81 -24.43 -52.51
CA TRP F 108 -31.13 -24.83 -53.74
C TRP F 108 -29.76 -24.20 -53.82
N GLN F 109 -28.75 -25.01 -54.09
CA GLN F 109 -27.37 -24.54 -54.23
C GLN F 109 -26.60 -25.35 -55.27
N SER F 110 -25.55 -24.73 -55.81
CA SER F 110 -24.68 -25.36 -56.80
C SER F 110 -23.51 -24.42 -56.97
N ALA F 111 -22.34 -24.95 -57.33
CA ALA F 111 -21.17 -24.10 -57.49
C ALA F 111 -20.09 -24.63 -58.42
N GLU F 112 -19.27 -23.71 -58.93
CA GLU F 112 -18.17 -24.03 -59.81
C GLU F 112 -16.97 -23.17 -59.41
N SER F 113 -15.77 -23.68 -59.63
CA SER F 113 -14.55 -22.95 -59.29
C SER F 113 -14.33 -21.82 -60.28
N LEU F 114 -13.60 -20.80 -59.86
CA LEU F 114 -13.29 -19.68 -60.73
C LEU F 114 -11.87 -19.81 -61.26
N GLY F 115 -11.31 -21.00 -61.15
CA GLY F 115 -9.96 -21.23 -61.62
C GLY F 115 -9.61 -22.69 -61.78
N ASP F 116 -8.34 -23.03 -61.55
CA ASP F 116 -7.89 -24.43 -61.67
C ASP F 116 -8.63 -25.36 -60.71
N PHE F 117 -8.84 -24.89 -59.48
CA PHE F 117 -9.54 -25.66 -58.46
C PHE F 117 -9.85 -24.79 -57.24
N THR F 118 -10.57 -25.37 -56.30
CA THR F 118 -10.91 -24.71 -55.05
C THR F 118 -11.07 -25.79 -54.00
N LEU F 119 -10.34 -25.65 -52.90
CA LEU F 119 -10.43 -26.61 -51.79
C LEU F 119 -11.32 -25.93 -50.75
N VAL F 120 -12.42 -26.58 -50.36
CA VAL F 120 -13.32 -25.98 -49.39
C VAL F 120 -13.74 -26.96 -48.31
N GLY F 121 -14.52 -26.45 -47.36
CA GLY F 121 -15.01 -27.26 -46.29
C GLY F 121 -16.49 -27.06 -46.24
N CYS F 122 -17.21 -28.08 -45.79
CA CYS F 122 -18.65 -28.00 -45.68
C CYS F 122 -19.07 -28.53 -44.34
N THR F 123 -19.74 -27.72 -43.55
CA THR F 123 -20.22 -28.16 -42.25
C THR F 123 -21.74 -28.09 -42.32
N VAL F 124 -22.39 -29.18 -41.94
CA VAL F 124 -23.85 -29.26 -42.01
C VAL F 124 -24.43 -29.31 -40.60
N SER F 125 -25.27 -28.32 -40.29
CA SER F 125 -25.85 -28.21 -38.97
C SER F 125 -26.58 -29.41 -38.42
N PRO F 126 -27.87 -29.59 -38.74
CA PRO F 126 -28.47 -30.79 -38.15
C PRO F 126 -27.71 -32.08 -38.39
N GLY F 127 -26.86 -32.12 -39.42
CA GLY F 127 -26.09 -33.32 -39.68
C GLY F 127 -26.40 -33.92 -41.04
N PHE F 128 -25.46 -33.83 -41.97
CA PHE F 128 -25.69 -34.33 -43.32
C PHE F 128 -26.06 -35.80 -43.40
N ALA F 129 -27.09 -36.07 -44.19
CA ALA F 129 -27.57 -37.42 -44.41
C ALA F 129 -28.19 -37.47 -45.81
N PHE F 130 -27.74 -38.43 -46.61
CA PHE F 130 -28.24 -38.55 -47.96
C PHE F 130 -29.74 -38.71 -48.05
N SER F 131 -30.36 -39.20 -46.98
CA SER F 131 -31.81 -39.38 -46.98
C SER F 131 -32.54 -38.05 -47.01
N SER F 132 -31.79 -36.95 -46.89
CA SER F 132 -32.39 -35.62 -46.91
C SER F 132 -31.77 -34.78 -48.03
N PHE F 133 -30.97 -35.47 -48.85
CA PHE F 133 -30.27 -34.86 -49.98
C PHE F 133 -31.07 -35.10 -51.27
N VAL F 134 -31.26 -34.03 -52.03
CA VAL F 134 -32.01 -34.12 -53.27
C VAL F 134 -31.24 -33.48 -54.39
N ALA F 136 -31.89 -31.95 -58.40
CA ALA F 136 -32.83 -31.66 -59.47
C ALA F 136 -32.35 -32.41 -60.71
N GLU F 137 -33.25 -32.63 -61.66
CA GLU F 137 -32.90 -33.32 -62.89
C GLU F 137 -31.88 -32.46 -63.64
N PRO F 138 -30.92 -33.09 -64.35
CA PRO F 138 -29.92 -32.31 -65.06
C PRO F 138 -30.57 -31.35 -66.05
N GLY F 139 -29.91 -30.23 -66.30
CA GLY F 139 -30.44 -29.24 -67.21
C GLY F 139 -31.38 -28.28 -66.53
N TRP F 140 -31.89 -28.68 -65.37
CA TRP F 140 -32.80 -27.84 -64.60
C TRP F 140 -32.02 -26.71 -63.95
N SER F 141 -32.73 -25.61 -63.73
CA SER F 141 -32.17 -24.42 -63.10
C SER F 141 -33.35 -23.60 -62.60
N PRO F 142 -33.09 -22.69 -61.65
CA PRO F 142 -34.18 -21.87 -61.13
C PRO F 142 -34.73 -21.01 -62.24
N GLY F 143 -36.02 -21.13 -62.48
CA GLY F 143 -36.64 -20.32 -63.50
C GLY F 143 -36.96 -21.23 -64.64
N ASP F 144 -35.92 -21.87 -65.11
CA ASP F 144 -36.08 -22.79 -66.20
C ASP F 144 -37.42 -23.51 -65.99
N SER G 6 23.67 42.60 51.38
CA SER G 6 24.08 43.94 51.61
C SER G 6 25.12 44.12 50.67
N ALA G 7 25.06 43.15 49.76
CA ALA G 7 26.00 42.95 48.68
C ALA G 7 26.40 44.11 47.80
N GLN G 8 25.44 44.98 47.50
CA GLN G 8 25.69 46.12 46.63
C GLN G 8 26.56 47.18 47.29
N ALA G 9 26.19 47.55 48.51
CA ALA G 9 26.91 48.56 49.27
C ALA G 9 28.40 48.22 49.33
N ILE G 10 28.70 46.97 49.63
CA ILE G 10 30.07 46.47 49.75
C ILE G 10 30.83 46.70 48.45
N ILE G 11 30.11 46.70 47.33
CA ILE G 11 30.75 46.92 46.03
C ILE G 11 31.18 48.38 46.02
N ARG G 12 30.27 49.24 46.47
CA ARG G 12 30.51 50.68 46.54
C ARG G 12 31.56 51.05 47.58
N GLU G 13 31.24 50.78 48.84
CA GLU G 13 32.12 51.08 49.95
C GLU G 13 33.58 50.71 49.71
N LEU G 14 33.81 49.57 49.08
CA LEU G 14 35.18 49.12 48.80
C LEU G 14 35.68 49.52 47.42
N GLY G 15 34.76 50.03 46.61
CA GLY G 15 35.09 50.47 45.25
C GLY G 15 35.62 49.34 44.39
N LEU G 16 34.87 48.25 44.33
CA LEU G 16 35.24 47.08 43.54
C LEU G 16 34.90 47.28 42.07
N GLU G 17 35.75 46.77 41.19
CA GLU G 17 35.56 46.85 39.74
C GLU G 17 35.41 45.42 39.21
N PRO G 18 34.79 45.25 38.04
CA PRO G 18 34.62 43.92 37.46
C PRO G 18 35.95 43.22 37.22
N HIS G 19 36.01 41.94 37.56
CA HIS G 19 37.24 41.19 37.37
C HIS G 19 37.17 40.32 36.13
N PRO G 20 38.25 40.28 35.36
CA PRO G 20 38.32 39.48 34.14
C PRO G 20 37.77 38.06 34.30
N GLU G 21 37.87 37.49 35.50
CA GLU G 21 37.38 36.13 35.71
C GLU G 21 35.97 36.05 36.27
N GLY G 22 35.40 37.21 36.58
CA GLY G 22 34.06 37.25 37.13
C GLY G 22 34.11 37.91 38.48
N GLY G 23 32.96 38.19 39.07
CA GLY G 23 32.96 38.84 40.38
C GLY G 23 33.61 40.21 40.29
N PHE G 24 33.75 40.88 41.42
CA PHE G 24 34.36 42.20 41.42
C PHE G 24 35.52 42.25 42.40
N TYR G 25 36.57 42.98 42.04
CA TYR G 25 37.73 43.07 42.89
C TYR G 25 38.29 44.47 43.00
N HIS G 26 39.44 44.56 43.64
CA HIS G 26 40.16 45.80 43.85
C HIS G 26 41.54 45.46 44.39
N GLN G 27 42.58 46.07 43.85
CA GLN G 27 43.92 45.80 44.34
C GLN G 27 44.22 46.78 45.44
N THR G 28 44.57 46.24 46.61
CA THR G 28 44.86 47.05 47.79
C THR G 28 46.35 47.17 48.05
N PHE G 29 47.13 46.24 47.50
CA PHE G 29 48.55 46.26 47.75
C PHE G 29 49.40 45.46 46.77
N ARG G 30 50.61 45.96 46.55
CA ARG G 30 51.60 45.33 45.71
C ARG G 30 52.90 45.73 46.39
N ASP G 31 53.65 44.75 46.85
CA ASP G 31 54.89 45.05 47.53
C ASP G 31 55.78 45.91 46.66
N LYS G 32 56.20 47.05 47.20
CA LYS G 32 57.07 47.97 46.49
C LYS G 32 58.40 47.23 46.34
N ALA G 33 58.62 46.23 47.18
CA ALA G 33 59.85 45.46 47.16
C ALA G 33 59.68 44.13 46.43
N GLY G 34 60.78 43.63 45.86
CA GLY G 34 60.74 42.37 45.15
C GLY G 34 60.52 42.47 43.65
N GLY G 35 61.20 43.40 42.99
CA GLY G 35 61.04 43.52 41.55
C GLY G 35 59.88 44.42 41.17
N GLU G 36 59.50 44.38 39.90
CA GLU G 36 58.39 45.21 39.42
C GLU G 36 57.06 44.55 39.71
N ARG G 37 57.08 43.23 39.90
CA ARG G 37 55.88 42.47 40.22
C ARG G 37 55.71 42.51 41.74
N GLY G 38 56.81 42.73 42.44
CA GLY G 38 56.78 42.79 43.88
C GLY G 38 56.82 41.42 44.53
N HIS G 39 57.01 41.41 45.84
CA HIS G 39 57.03 40.16 46.59
C HIS G 39 55.62 39.56 46.66
N SER G 40 54.62 40.44 46.69
CA SER G 40 53.24 39.97 46.75
C SER G 40 52.23 41.07 46.44
N THR G 41 50.97 40.67 46.28
CA THR G 41 49.88 41.59 46.00
C THR G 41 48.67 41.17 46.82
N ALA G 42 47.84 42.13 47.17
CA ALA G 42 46.63 41.86 47.93
C ALA G 42 45.45 42.41 47.15
N ILE G 43 44.30 41.76 47.30
CA ILE G 43 43.12 42.15 46.58
C ILE G 43 41.88 41.81 47.40
N TYR G 44 40.83 42.61 47.22
CA TYR G 44 39.54 42.36 47.85
C TYR G 44 38.80 41.72 46.66
N TYR G 45 38.03 40.67 46.93
CA TYR G 45 37.34 39.99 45.84
C TYR G 45 35.96 39.58 46.31
N LEU G 46 34.95 39.78 45.45
CA LEU G 46 33.59 39.43 45.80
C LEU G 46 32.81 38.72 44.69
N LEU G 47 31.96 37.79 45.11
CA LEU G 47 31.12 37.02 44.21
C LEU G 47 29.71 37.10 44.76
N GLU G 48 28.71 37.03 43.89
CA GLU G 48 27.32 37.08 44.32
C GLU G 48 26.61 35.82 43.86
N LYS G 49 25.36 35.66 44.26
CA LYS G 49 24.58 34.50 43.84
C LYS G 49 24.54 34.57 42.31
N GLY G 50 24.87 33.47 41.67
CA GLY G 50 24.87 33.44 40.21
C GLY G 50 26.24 33.79 39.68
N VAL G 51 26.57 35.08 39.66
CA VAL G 51 27.88 35.51 39.18
C VAL G 51 28.96 34.78 39.97
N ARG G 52 29.76 34.00 39.26
CA ARG G 52 30.82 33.22 39.88
C ARG G 52 32.19 33.54 39.28
N SER G 53 33.19 32.78 39.69
CA SER G 53 34.55 32.94 39.20
C SER G 53 34.80 31.77 38.26
N HIS G 54 34.96 32.06 36.97
CA HIS G 54 35.18 31.02 35.96
C HIS G 54 36.57 30.41 36.05
N TRP G 55 36.73 29.18 35.57
CA TRP G 55 38.02 28.50 35.59
C TRP G 55 39.13 29.37 35.03
N HIS G 56 40.30 29.29 35.67
CA HIS G 56 41.47 30.07 35.28
C HIS G 56 42.64 29.61 36.15
N ARG G 57 43.84 30.07 35.84
CA ARG G 57 45.00 29.72 36.63
C ARG G 57 46.14 30.73 36.57
N VAL G 58 46.86 30.85 37.67
CA VAL G 58 47.99 31.75 37.78
C VAL G 58 49.19 30.84 37.52
N THR G 59 49.77 30.97 36.33
CA THR G 59 50.90 30.13 35.92
C THR G 59 52.14 30.13 36.81
N ASP G 60 52.60 31.30 37.23
CA ASP G 60 53.81 31.38 38.03
C ASP G 60 53.67 31.92 39.45
N ALA G 61 52.63 31.53 40.17
CA ALA G 61 52.46 32.01 41.54
C ALA G 61 51.38 31.29 42.34
N VAL G 62 51.62 31.21 43.65
CA VAL G 62 50.68 30.58 44.57
C VAL G 62 49.70 31.65 45.01
N GLU G 63 48.42 31.33 44.98
CA GLU G 63 47.41 32.29 45.42
C GLU G 63 46.64 31.73 46.61
N VAL G 64 46.51 32.55 47.65
CA VAL G 64 45.81 32.16 48.86
C VAL G 64 44.47 32.91 49.00
N TRP G 65 43.39 32.17 49.16
CA TRP G 65 42.08 32.79 49.33
C TRP G 65 41.82 32.99 50.82
N HIS G 66 41.24 34.12 51.20
CA HIS G 66 40.94 34.38 52.59
C HIS G 66 39.48 34.81 52.71
N TYR G 67 38.75 34.14 53.61
CA TYR G 67 37.35 34.45 53.83
C TYR G 67 37.21 35.69 54.72
N TYR G 68 36.29 36.57 54.36
CA TYR G 68 36.04 37.77 55.14
C TYR G 68 34.60 37.85 55.64
N ALA G 69 33.64 37.94 54.74
CA ALA G 69 32.24 38.04 55.16
C ALA G 69 31.24 37.47 54.17
N GLY G 70 30.03 37.22 54.65
CA GLY G 70 29.00 36.65 53.80
C GLY G 70 29.00 35.15 53.82
N ALA G 71 28.25 34.54 52.90
CA ALA G 71 28.14 33.10 52.81
C ALA G 71 29.46 32.46 52.40
N PRO G 72 29.66 31.20 52.81
CA PRO G 72 30.91 30.53 52.44
C PRO G 72 31.02 30.39 50.93
N ILE G 73 32.16 29.88 50.50
CA ILE G 73 32.42 29.71 49.08
C ILE G 73 32.87 28.29 48.75
N ALA G 74 32.52 27.86 47.54
CA ALA G 74 32.91 26.55 47.05
C ALA G 74 34.08 26.83 46.11
N LEU G 75 35.27 26.40 46.53
CA LEU G 75 36.47 26.62 45.74
C LEU G 75 36.86 25.30 45.10
N HIS G 76 37.01 25.30 43.77
CA HIS G 76 37.35 24.11 43.02
C HIS G 76 38.78 24.21 42.48
N LEU G 77 39.60 23.22 42.80
CA LEU G 77 40.98 23.21 42.32
C LEU G 77 41.26 21.96 41.53
N SER G 78 42.10 22.11 40.52
CA SER G 78 42.51 21.02 39.66
C SER G 78 43.94 21.31 39.24
N GLN G 79 44.89 20.63 39.86
CA GLN G 79 46.29 20.87 39.55
C GLN G 79 46.70 20.42 38.16
N ASP G 80 46.14 19.31 37.71
CA ASP G 80 46.47 18.75 36.41
C ASP G 80 45.40 19.04 35.36
N GLY G 81 44.32 19.68 35.79
CA GLY G 81 43.25 19.98 34.85
C GLY G 81 42.49 18.71 34.50
N ARG G 82 42.67 17.69 35.33
CA ARG G 82 42.00 16.40 35.15
C ARG G 82 41.07 16.11 36.32
N GLU G 83 41.68 15.92 37.49
CA GLU G 83 40.94 15.63 38.72
C GLU G 83 40.70 16.94 39.44
N VAL G 84 39.63 17.03 40.21
CA VAL G 84 39.31 18.26 40.92
C VAL G 84 38.94 18.04 42.39
N GLN G 85 39.23 19.05 43.20
CA GLN G 85 38.94 19.02 44.64
C GLN G 85 38.07 20.22 44.97
N THR G 86 37.09 20.02 45.84
CA THR G 86 36.20 21.11 46.22
C THR G 86 36.30 21.46 47.70
N PHE G 87 36.73 22.69 47.95
CA PHE G 87 36.88 23.20 49.31
C PHE G 87 35.80 24.21 49.67
N THR G 88 35.27 24.09 50.88
CA THR G 88 34.25 25.02 51.35
C THR G 88 35.01 26.10 52.10
N LEU G 89 35.29 27.21 51.42
CA LEU G 89 36.01 28.32 52.02
C LEU G 89 35.04 29.13 52.88
N GLY G 90 35.11 28.93 54.20
CA GLY G 90 34.22 29.65 55.10
C GLY G 90 34.78 29.69 56.51
N PRO G 91 34.08 30.32 57.47
CA PRO G 91 34.58 30.41 58.84
C PRO G 91 33.99 29.36 59.81
N ALA G 92 33.13 28.48 59.31
CA ALA G 92 32.53 27.46 60.17
C ALA G 92 33.52 26.33 60.41
N ILE G 93 34.59 26.66 61.14
CA ILE G 93 35.67 25.74 61.49
C ILE G 93 35.26 24.33 61.90
N LEU G 94 34.19 24.24 62.69
CA LEU G 94 33.69 22.97 63.16
C LEU G 94 32.71 22.31 62.20
N GLU G 95 32.62 22.84 60.98
CA GLU G 95 31.70 22.26 60.02
C GLU G 95 32.29 22.08 58.62
N GLY G 96 33.46 21.48 58.57
CA GLY G 96 34.12 21.21 57.30
C GLY G 96 34.64 22.41 56.53
N GLU G 97 34.56 23.59 57.10
CA GLU G 97 35.02 24.80 56.41
C GLU G 97 36.40 25.23 56.86
N ARG G 98 37.06 26.03 56.04
CA ARG G 98 38.38 26.59 56.32
C ARG G 98 38.36 27.97 55.69
N PRO G 99 38.59 29.02 56.50
CA PRO G 99 38.59 30.39 55.97
C PRO G 99 39.84 30.73 55.18
N GLN G 100 40.74 29.76 55.05
CA GLN G 100 41.98 30.00 54.33
C GLN G 100 42.38 28.78 53.50
N VAL G 101 42.50 28.94 52.18
CA VAL G 101 42.92 27.81 51.35
C VAL G 101 43.96 28.19 50.31
N ILE G 102 44.96 27.32 50.19
CA ILE G 102 46.09 27.48 49.28
C ILE G 102 45.88 26.96 47.86
N VAL G 103 46.16 27.80 46.88
CA VAL G 103 46.04 27.42 45.49
C VAL G 103 47.44 27.38 44.92
N PRO G 104 47.99 26.16 44.73
CA PRO G 104 49.36 26.01 44.19
C PRO G 104 49.54 26.71 42.86
N ALA G 105 50.73 27.23 42.62
CA ALA G 105 51.02 27.92 41.37
C ALA G 105 50.68 27.02 40.19
N ASN G 106 50.07 27.61 39.17
CA ASN G 106 49.68 26.91 37.94
C ASN G 106 48.54 25.92 38.11
N CYS G 107 47.82 26.03 39.23
CA CYS G 107 46.70 25.13 39.51
C CYS G 107 45.38 25.72 39.03
N TRP G 108 44.63 24.96 38.22
CA TRP G 108 43.34 25.45 37.73
C TRP G 108 42.43 25.67 38.92
N GLN G 109 41.73 26.80 38.93
CA GLN G 109 40.82 27.14 40.02
C GLN G 109 39.57 27.86 39.54
N SER G 110 38.49 27.70 40.30
CA SER G 110 37.21 28.33 40.02
C SER G 110 36.46 28.40 41.35
N ALA G 111 35.59 29.37 41.51
CA ALA G 111 34.85 29.50 42.75
C ALA G 111 33.46 30.05 42.54
N GLU G 112 32.65 30.01 43.60
CA GLU G 112 31.30 30.51 43.54
C GLU G 112 30.72 30.66 44.94
N SER G 113 29.95 31.72 45.15
CA SER G 113 29.35 31.96 46.45
C SER G 113 28.22 30.96 46.68
N LEU G 114 28.07 30.56 47.93
CA LEU G 114 27.03 29.62 48.31
C LEU G 114 25.77 30.32 48.82
N GLY G 115 25.80 31.64 48.82
CA GLY G 115 24.64 32.41 49.29
C GLY G 115 24.47 33.69 48.51
N ASP G 116 24.04 34.75 49.17
CA ASP G 116 23.86 36.02 48.48
C ASP G 116 25.17 36.57 47.93
N PHE G 117 26.22 36.55 48.75
CA PHE G 117 27.52 37.06 48.34
C PHE G 117 28.61 36.56 49.28
N THR G 118 29.87 36.77 48.88
CA THR G 118 31.03 36.38 49.68
C THR G 118 32.14 37.39 49.45
N LEU G 119 32.67 37.94 50.53
CA LEU G 119 33.77 38.89 50.42
C LEU G 119 35.02 38.14 50.88
N VAL G 120 36.01 38.06 50.00
CA VAL G 120 37.23 37.35 50.34
C VAL G 120 38.47 38.13 49.91
N GLY G 121 39.62 37.66 50.40
CA GLY G 121 40.91 38.25 50.09
C GLY G 121 41.72 37.28 49.24
N CYS G 122 42.73 37.82 48.57
CA CYS G 122 43.60 37.03 47.71
C CYS G 122 44.99 37.64 47.62
N THR G 123 45.94 36.88 48.16
CA THR G 123 47.36 37.25 48.17
C THR G 123 48.09 36.22 47.32
N VAL G 124 48.70 36.71 46.25
CA VAL G 124 49.44 35.89 45.29
C VAL G 124 50.91 36.12 45.55
N SER G 125 51.65 35.17 46.13
CA SER G 125 53.03 35.58 46.38
C SER G 125 54.01 35.87 45.29
N PRO G 126 54.37 35.07 44.30
CA PRO G 126 55.28 36.04 43.69
C PRO G 126 54.60 37.37 43.21
N GLY G 127 53.33 37.49 42.92
CA GLY G 127 53.04 38.87 42.58
C GLY G 127 52.29 38.88 41.32
N PHE G 128 51.01 38.97 41.57
CA PHE G 128 50.04 38.90 40.56
C PHE G 128 50.31 39.77 39.38
N ALA G 129 50.19 39.15 38.21
CA ALA G 129 50.40 39.79 36.94
C ALA G 129 49.56 39.09 35.87
N PHE G 130 48.89 39.92 35.08
CA PHE G 130 48.05 39.45 33.99
C PHE G 130 48.89 38.76 32.91
N SER G 131 50.17 39.05 32.81
CA SER G 131 50.94 38.33 31.80
C SER G 131 51.20 36.89 32.27
N SER G 132 50.67 36.56 33.44
CA SER G 132 50.83 35.23 34.03
C SER G 132 49.45 34.66 34.35
N PHE G 133 48.43 35.30 33.77
CA PHE G 133 47.04 34.93 33.97
C PHE G 133 46.57 34.13 32.76
N VAL G 134 45.79 33.08 32.98
CA VAL G 134 45.29 32.27 31.88
C VAL G 134 43.92 31.66 32.20
N ALA G 136 40.38 29.51 31.09
CA ALA G 136 40.00 28.36 30.29
C ALA G 136 38.84 28.72 29.36
N GLU G 137 38.68 27.96 28.27
CA GLU G 137 37.58 28.21 27.34
C GLU G 137 36.28 28.07 28.11
N PRO G 138 35.33 28.99 27.88
CA PRO G 138 34.06 28.89 28.60
C PRO G 138 33.39 27.55 28.35
N GLY G 139 32.72 27.00 29.38
CA GLY G 139 32.05 25.73 29.24
C GLY G 139 32.96 24.54 29.52
N TRP G 140 34.25 24.81 29.69
CA TRP G 140 35.25 23.78 29.98
C TRP G 140 35.26 23.33 31.44
N SER G 141 35.59 22.06 31.64
CA SER G 141 35.68 21.48 32.97
C SER G 141 36.88 20.55 32.92
N PRO G 142 37.64 20.45 34.02
CA PRO G 142 38.80 19.56 33.98
C PRO G 142 38.47 18.13 33.54
N GLY G 143 39.32 17.59 32.66
CA GLY G 143 39.14 16.24 32.17
C GLY G 143 38.74 16.13 30.70
N ASP G 144 37.74 16.91 30.31
CA ASP G 144 37.24 16.89 28.94
C ASP G 144 38.25 17.48 27.92
#